data_3W3W
#
_entry.id   3W3W
#
_cell.length_a   77.570
_cell.length_b   126.160
_cell.length_c   130.780
_cell.angle_alpha   90.00
_cell.angle_beta   90.00
_cell.angle_gamma   90.00
#
_symmetry.space_group_name_H-M   'P 21 21 21'
#
loop_
_entity.id
_entity.type
_entity.pdbx_description
1 polymer 'Importin subunit beta-3'
2 polymer 'Protein STE12'
3 water water
#
loop_
_entity_poly.entity_id
_entity_poly.type
_entity_poly.pdbx_seq_one_letter_code
_entity_poly.pdbx_strand_id
1 'polypeptide(L)'
;MSALPEEVNRTLLQIVQAFASPDNQIRSVAEKALSEEWITENNIEYLLTFLAEQAAFSQDTTVAALSAVLFRKLALKAPI
THIRKEVLAQIRSSLLKGFLSERADSIRHKLSDAIAECVQDDLPAWPELLQALIESLKSGNPNFRESSFRILTTVPYLIT
AVDINSILPIFQSGFTDASDNVKIAAVTAFVGYFKQLPKSEWSKLGILLPSLLNSLPRFLDDGKDDALASVFESLIELVE
LAPKLFKDMFDQIIQFTDMVIKNKDLEPPARTTALELLTVFSENAPQMCKSNQNYGQTLVMVTLIMMTEVSIDDDDAAEW
IESDDTDDEEEVTYDHARQALDRVALKLGGEYLAAPLFQYLQQMITSTEWRERFAAMMALSSAAEGCADVLIGEIPKILD
MVIPLINDPHPRVQYGCCNVLGQISTDFSPFIQRTAHDRILPALISKLTSECTSRVQTHAAAALVNFSEFASKDILEPYL
DSLLTNLLVLLQSNKLYVQEQALTTIAFIAEAAKNKFIKYYDTLMPLLLNVLKVNNKDNSVLKGKCMECATLIGFAVGKE
KFHEHSQELISILVALQNSDIDEDDALRSYLEQSWSRICRILGDDFVPLLPIVIPPLLITAKATQDVGLIEEEEAANFQQ
YPDWDVVQVQGKHIAIHTSVLDDKVSAMELLQSYATLLRGQFAVYVKEVMEEIALPSLDFYLHDGVRAAGATLIPILLSC
LLAATGTQNEELVLLWHKASSKLIGGLMSEPMPEITQVYHNSLVNGIKVMGDNCLSEDQLAAFTKGVSANLTDTYERMQD
RHGDGDEYNENIDEEEDFTDEDLLDEINKSIAAVLKTTNGHYLKNLENIWPMINTFLLDNEPILVIFALVVIGDLIQYGG
EQTASMKNAFIPKVTECLISPDARIRQAASYIIGVCAQYAPSTYADVCIPTLDTLVQIVDFPGSKLEENRSSTENASAAI
AKILYAYNSNIPNVDTYTANWFKTLPTITDKEAASFNYQFLSQLIENNSPIVCAQSNISAVVDSVIQALNERSLTEREGQ
TVISSVKKLLGFLPSSDAMAIFNRYPADIMEKVHKWFA
;
A
2 'polypeptide(L)' PRRRTVGMKSSQGNVPTGNKQSVGKSAKISKPLHIKTSAYQKQYKINLETKARPSAGDEDSAHPDKNKE B
#
# COMPACT_ATOMS: atom_id res chain seq x y z
N ALA A 3 -19.54 -44.78 -28.23
CA ALA A 3 -18.08 -45.15 -28.07
C ALA A 3 -17.81 -45.87 -26.74
N LEU A 4 -18.86 -45.97 -25.94
CA LEU A 4 -18.75 -46.63 -24.64
C LEU A 4 -19.62 -47.88 -24.62
N PRO A 5 -19.15 -48.92 -23.88
CA PRO A 5 -20.01 -50.06 -23.51
C PRO A 5 -21.34 -49.55 -22.98
N GLU A 6 -22.45 -50.15 -23.39
CA GLU A 6 -23.78 -49.73 -22.96
C GLU A 6 -23.94 -49.83 -21.44
N GLU A 7 -23.21 -50.74 -20.76
CA GLU A 7 -23.38 -50.83 -19.28
C GLU A 7 -22.93 -49.50 -18.63
N VAL A 8 -21.63 -49.22 -18.76
CA VAL A 8 -20.96 -47.96 -18.43
C VAL A 8 -21.86 -46.72 -18.57
N ASN A 9 -22.56 -46.62 -19.70
CA ASN A 9 -23.51 -45.52 -19.99
C ASN A 9 -24.62 -45.35 -18.99
N ARG A 10 -25.32 -46.42 -18.62
CA ARG A 10 -26.44 -46.20 -17.70
C ARG A 10 -26.01 -46.12 -16.24
N THR A 11 -24.83 -46.68 -15.93
CA THR A 11 -24.21 -46.43 -14.60
C THR A 11 -23.90 -44.94 -14.49
N LEU A 12 -23.14 -44.44 -15.48
CA LEU A 12 -22.76 -43.03 -15.50
C LEU A 12 -23.98 -42.14 -15.65
N LEU A 13 -24.93 -42.58 -16.46
CA LEU A 13 -26.14 -41.77 -16.64
C LEU A 13 -26.93 -41.60 -15.37
N GLN A 14 -27.06 -42.70 -14.65
CA GLN A 14 -27.76 -42.71 -13.38
C GLN A 14 -27.07 -41.76 -12.41
N ILE A 15 -25.76 -41.94 -12.24
CA ILE A 15 -24.93 -41.05 -11.40
C ILE A 15 -25.09 -39.53 -11.68
N VAL A 16 -24.82 -39.12 -12.93
CA VAL A 16 -24.97 -37.69 -13.32
C VAL A 16 -26.40 -37.17 -13.10
N GLN A 17 -27.41 -38.04 -13.25
CA GLN A 17 -28.81 -37.66 -13.06
C GLN A 17 -29.15 -37.58 -11.60
N ALA A 18 -28.49 -38.40 -10.80
CA ALA A 18 -28.65 -38.33 -9.37
C ALA A 18 -28.16 -36.97 -8.85
N PHE A 19 -27.21 -36.36 -9.55
CA PHE A 19 -26.68 -35.05 -9.09
C PHE A 19 -27.74 -33.97 -8.85
N ALA A 20 -28.71 -33.86 -9.76
CA ALA A 20 -29.88 -33.02 -9.56
C ALA A 20 -30.83 -33.84 -8.73
N SER A 21 -31.45 -33.25 -7.70
CA SER A 21 -32.32 -33.98 -6.77
C SER A 21 -32.33 -33.33 -5.40
N ASP A 23 -32.93 -34.47 -2.79
CA ASP A 23 -32.63 -35.52 -1.84
C ASP A 23 -31.13 -35.57 -1.48
N ASN A 24 -30.83 -35.97 -0.24
CA ASN A 24 -29.46 -36.19 0.21
C ASN A 24 -28.90 -37.55 -0.24
N GLN A 25 -29.66 -38.62 0.01
CA GLN A 25 -29.23 -40.02 -0.21
C GLN A 25 -28.83 -40.35 -1.66
N ILE A 26 -29.81 -40.33 -2.58
CA ILE A 26 -29.54 -40.56 -4.01
C ILE A 26 -28.33 -39.69 -4.45
N ARG A 27 -28.36 -38.41 -4.07
CA ARG A 27 -27.32 -37.47 -4.46
C ARG A 27 -25.94 -37.64 -3.80
N SER A 28 -25.92 -38.04 -2.53
CA SER A 28 -24.61 -38.29 -1.86
C SER A 28 -23.92 -39.58 -2.38
N VAL A 29 -24.72 -40.66 -2.56
CA VAL A 29 -24.25 -41.92 -3.14
C VAL A 29 -23.60 -41.68 -4.50
N ALA A 30 -24.23 -40.83 -5.33
CA ALA A 30 -23.65 -40.44 -6.64
C ALA A 30 -22.36 -39.64 -6.48
N GLU A 31 -22.36 -38.65 -5.59
CA GLU A 31 -21.14 -37.89 -5.32
C GLU A 31 -19.97 -38.77 -4.92
N LYS A 32 -20.19 -39.72 -4.00
CA LYS A 32 -19.10 -40.62 -3.55
C LYS A 32 -18.65 -41.45 -4.78
N ALA A 33 -19.63 -42.01 -5.49
CA ALA A 33 -19.37 -42.84 -6.64
C ALA A 33 -18.45 -42.18 -7.67
N LEU A 34 -18.74 -40.93 -7.98
CA LEU A 34 -17.99 -40.18 -8.93
C LEU A 34 -16.56 -39.98 -8.45
N SER A 35 -16.41 -39.37 -7.29
CA SER A 35 -15.10 -39.03 -6.74
C SER A 35 -14.23 -40.20 -6.27
N GLU A 36 -14.83 -41.25 -5.71
CA GLU A 36 -14.04 -42.37 -5.22
C GLU A 36 -13.84 -43.50 -6.23
N GLU A 37 -14.78 -43.70 -7.16
CA GLU A 37 -14.76 -44.83 -8.11
C GLU A 37 -14.45 -44.46 -9.55
N TRP A 38 -14.89 -43.29 -9.97
CA TRP A 38 -14.84 -42.94 -11.39
C TRP A 38 -13.71 -42.01 -11.80
N ILE A 39 -13.18 -41.24 -10.86
CA ILE A 39 -12.04 -40.38 -11.18
C ILE A 39 -10.80 -41.06 -10.62
N THR A 40 -10.32 -42.10 -11.30
CA THR A 40 -9.17 -42.90 -10.87
C THR A 40 -8.40 -43.17 -12.15
N GLU A 41 -7.13 -43.56 -12.11
CA GLU A 41 -6.41 -43.75 -13.35
C GLU A 41 -7.19 -44.64 -14.35
N ASN A 42 -7.99 -45.56 -13.82
CA ASN A 42 -8.60 -46.63 -14.64
C ASN A 42 -9.96 -46.29 -15.26
N ASN A 43 -10.63 -45.31 -14.68
CA ASN A 43 -11.97 -44.96 -15.15
C ASN A 43 -12.05 -43.54 -15.72
N ILE A 44 -11.01 -42.74 -15.50
CA ILE A 44 -11.03 -41.33 -15.84
C ILE A 44 -11.30 -41.10 -17.32
N GLU A 45 -10.71 -41.90 -18.19
CA GLU A 45 -10.93 -41.67 -19.61
C GLU A 45 -12.31 -42.11 -20.05
N TYR A 46 -12.81 -43.19 -19.46
CA TYR A 46 -14.21 -43.52 -19.68
C TYR A 46 -15.12 -42.36 -19.24
N LEU A 47 -14.81 -41.79 -18.07
CA LEU A 47 -15.65 -40.76 -17.48
C LEU A 47 -15.65 -39.49 -18.38
N LEU A 48 -14.46 -39.08 -18.80
CA LEU A 48 -14.33 -37.93 -19.70
C LEU A 48 -14.97 -38.21 -21.01
N THR A 49 -14.82 -39.44 -21.51
CA THR A 49 -15.52 -39.80 -22.74
C THR A 49 -17.01 -39.71 -22.58
N PHE A 50 -17.54 -40.22 -21.46
CA PHE A 50 -18.98 -40.19 -21.26
C PHE A 50 -19.51 -38.75 -21.22
N LEU A 51 -18.91 -37.93 -20.37
CA LEU A 51 -19.34 -36.54 -20.11
C LEU A 51 -19.29 -35.69 -21.38
N ALA A 52 -18.23 -35.86 -22.15
CA ALA A 52 -18.14 -35.21 -23.49
C ALA A 52 -19.28 -35.67 -24.41
N GLU A 53 -19.63 -36.95 -24.35
CA GLU A 53 -20.76 -37.44 -25.17
C GLU A 53 -22.09 -36.86 -24.75
N GLN A 54 -22.31 -36.76 -23.43
CA GLN A 54 -23.57 -36.25 -22.93
C GLN A 54 -23.71 -34.80 -23.28
N ALA A 55 -22.65 -34.04 -22.99
CA ALA A 55 -22.68 -32.58 -23.26
C ALA A 55 -22.93 -32.37 -24.74
N ALA A 56 -22.31 -33.21 -25.59
CA ALA A 56 -22.43 -33.07 -27.01
C ALA A 56 -23.80 -33.48 -27.49
N PHE A 57 -24.36 -34.60 -26.97
CA PHE A 57 -25.53 -35.26 -27.63
C PHE A 57 -26.81 -35.38 -26.80
N SER A 58 -26.72 -35.22 -25.49
CA SER A 58 -27.90 -35.48 -24.69
C SER A 58 -28.97 -34.47 -25.01
N GLN A 59 -30.19 -34.96 -25.10
CA GLN A 59 -31.37 -34.14 -25.37
C GLN A 59 -31.91 -33.52 -24.08
N ASP A 60 -31.43 -34.00 -22.93
CA ASP A 60 -31.78 -33.36 -21.67
C ASP A 60 -30.83 -32.22 -21.31
N THR A 61 -31.41 -31.06 -21.04
CA THR A 61 -30.70 -29.79 -20.77
C THR A 61 -29.73 -30.00 -19.64
N THR A 62 -30.30 -30.50 -18.56
CA THR A 62 -29.64 -30.56 -17.27
C THR A 62 -28.44 -31.47 -17.30
N VAL A 63 -28.65 -32.67 -17.79
CA VAL A 63 -27.56 -33.63 -17.96
C VAL A 63 -26.46 -33.09 -18.87
N ALA A 64 -26.83 -32.54 -20.02
CA ALA A 64 -25.87 -31.92 -20.91
C ALA A 64 -25.04 -30.83 -20.21
N ALA A 65 -25.75 -29.87 -19.62
CA ALA A 65 -25.07 -28.77 -18.91
C ALA A 65 -24.10 -29.35 -17.89
N LEU A 66 -24.61 -30.21 -17.00
CA LEU A 66 -23.84 -30.69 -15.86
C LEU A 66 -22.53 -31.40 -16.32
N SER A 67 -22.68 -32.22 -17.36
CA SER A 67 -21.62 -33.01 -17.89
C SER A 67 -20.61 -32.07 -18.47
N ALA A 68 -21.04 -31.08 -19.26
CA ALA A 68 -20.11 -30.04 -19.79
C ALA A 68 -19.30 -29.42 -18.68
N VAL A 69 -19.98 -29.04 -17.59
CA VAL A 69 -19.29 -28.43 -16.43
C VAL A 69 -18.33 -29.42 -15.79
N LEU A 70 -18.84 -30.63 -15.53
CA LEU A 70 -17.99 -31.63 -14.92
C LEU A 70 -16.78 -31.95 -15.78
N PHE A 71 -16.99 -32.14 -17.08
CA PHE A 71 -15.87 -32.38 -17.96
C PHE A 71 -14.81 -31.31 -17.85
N ARG A 72 -15.23 -30.03 -17.86
CA ARG A 72 -14.32 -28.87 -17.73
C ARG A 72 -13.52 -29.01 -16.47
N LYS A 73 -14.18 -29.32 -15.36
CA LYS A 73 -13.48 -29.42 -14.07
C LYS A 73 -12.52 -30.59 -14.06
N LEU A 74 -12.97 -31.75 -14.54
CA LEU A 74 -12.15 -32.97 -14.39
C LEU A 74 -11.05 -33.04 -15.42
N ALA A 75 -11.24 -32.36 -16.56
CA ALA A 75 -10.25 -32.40 -17.62
C ALA A 75 -9.00 -31.65 -17.26
N LEU A 76 -9.10 -30.64 -16.38
CA LEU A 76 -7.91 -29.98 -15.83
C LEU A 76 -7.20 -30.93 -14.88
N LYS A 77 -7.94 -31.44 -13.90
CA LYS A 77 -7.40 -32.30 -12.88
C LYS A 77 -6.73 -33.60 -13.41
N ALA A 78 -7.15 -34.10 -14.57
CA ALA A 78 -6.69 -35.43 -15.05
C ALA A 78 -5.18 -35.61 -15.06
N PRO A 79 -4.43 -34.75 -15.78
CA PRO A 79 -4.96 -33.74 -16.66
C PRO A 79 -4.96 -34.23 -18.11
N ILE A 80 -5.46 -33.34 -18.99
CA ILE A 80 -5.78 -33.76 -20.34
C ILE A 80 -4.56 -34.35 -21.01
N THR A 81 -3.40 -33.99 -20.49
CA THR A 81 -2.14 -34.37 -21.08
C THR A 81 -1.81 -35.84 -20.97
N HIS A 82 -2.24 -36.49 -19.89
CA HIS A 82 -1.96 -37.93 -19.69
C HIS A 82 -3.09 -38.82 -20.17
N ILE A 83 -3.93 -38.31 -21.07
CA ILE A 83 -5.00 -39.10 -21.65
C ILE A 83 -4.45 -39.82 -22.91
N ARG A 84 -4.82 -41.07 -23.16
CA ARG A 84 -4.49 -41.76 -24.44
C ARG A 84 -4.93 -40.97 -25.69
N LYS A 85 -4.12 -41.00 -26.76
CA LYS A 85 -4.41 -40.32 -28.01
C LYS A 85 -5.74 -40.71 -28.67
N GLU A 86 -6.03 -41.99 -28.76
CA GLU A 86 -7.24 -42.42 -29.45
C GLU A 86 -8.50 -41.88 -28.75
N VAL A 87 -8.37 -41.63 -27.45
CA VAL A 87 -9.50 -41.16 -26.65
C VAL A 87 -9.60 -39.62 -26.60
N LEU A 88 -8.47 -38.94 -26.43
CA LEU A 88 -8.46 -37.49 -26.73
C LEU A 88 -9.15 -37.19 -28.07
N ALA A 89 -8.75 -37.91 -29.11
CA ALA A 89 -9.29 -37.67 -30.45
C ALA A 89 -10.80 -37.80 -30.46
N GLN A 90 -11.30 -38.86 -29.85
CA GLN A 90 -12.70 -39.20 -29.85
C GLN A 90 -13.50 -38.14 -29.04
N ILE A 91 -12.92 -37.76 -27.90
CA ILE A 91 -13.48 -36.72 -27.06
C ILE A 91 -13.55 -35.37 -27.83
N ARG A 92 -12.43 -34.96 -28.41
CA ARG A 92 -12.37 -33.79 -29.28
C ARG A 92 -13.41 -33.84 -30.36
N SER A 93 -13.52 -34.97 -31.04
CA SER A 93 -14.42 -35.03 -32.19
C SER A 93 -15.87 -34.92 -31.79
N SER A 94 -16.23 -35.42 -30.60
CA SER A 94 -17.61 -35.40 -30.23
C SER A 94 -17.96 -34.01 -29.65
N LEU A 95 -17.00 -33.42 -28.92
CA LEU A 95 -17.16 -32.09 -28.40
C LEU A 95 -17.42 -31.13 -29.59
N LEU A 96 -16.61 -31.27 -30.64
CA LEU A 96 -16.72 -30.46 -31.84
C LEU A 96 -18.04 -30.71 -32.56
N LYS A 97 -18.45 -31.97 -32.70
CA LYS A 97 -19.74 -32.26 -33.36
C LYS A 97 -20.86 -31.71 -32.53
N GLY A 98 -20.77 -31.81 -31.21
CA GLY A 98 -21.83 -31.23 -30.37
C GLY A 98 -21.94 -29.70 -30.59
N PHE A 99 -20.80 -29.03 -30.65
CA PHE A 99 -20.74 -27.58 -30.80
C PHE A 99 -21.44 -27.17 -32.11
N LEU A 100 -21.23 -27.96 -33.18
CA LEU A 100 -21.73 -27.62 -34.54
C LEU A 100 -23.16 -28.09 -34.78
N SER A 101 -23.67 -28.90 -33.87
CA SER A 101 -25.08 -29.34 -33.88
C SER A 101 -25.97 -28.26 -33.30
N GLU A 102 -27.24 -28.58 -33.12
CA GLU A 102 -28.15 -27.67 -32.45
C GLU A 102 -28.19 -27.77 -30.91
N ARG A 103 -27.60 -26.80 -30.22
CA ARG A 103 -27.66 -26.76 -28.75
C ARG A 103 -28.25 -25.44 -28.24
N ALA A 104 -28.88 -25.45 -27.04
CA ALA A 104 -29.22 -24.21 -26.30
C ALA A 104 -27.96 -23.40 -26.10
N ASP A 105 -28.14 -22.09 -26.14
CA ASP A 105 -27.06 -21.11 -25.96
C ASP A 105 -26.12 -21.44 -24.79
N SER A 106 -26.72 -21.63 -23.61
CA SER A 106 -25.92 -21.83 -22.39
C SER A 106 -25.12 -23.15 -22.49
N ILE A 107 -25.64 -24.15 -23.20
CA ILE A 107 -24.90 -25.39 -23.41
C ILE A 107 -23.79 -25.16 -24.42
N ARG A 108 -24.04 -24.41 -25.48
CA ARG A 108 -22.92 -24.08 -26.41
C ARG A 108 -21.80 -23.34 -25.65
N HIS A 109 -22.19 -22.50 -24.70
CA HIS A 109 -21.20 -21.77 -23.87
C HIS A 109 -20.38 -22.77 -23.08
N LYS A 110 -21.08 -23.71 -22.45
CA LYS A 110 -20.42 -24.78 -21.66
C LYS A 110 -19.63 -25.75 -22.53
N LEU A 111 -20.11 -26.01 -23.75
CA LEU A 111 -19.31 -26.81 -24.69
C LEU A 111 -18.02 -26.09 -25.03
N SER A 112 -18.15 -24.76 -25.26
CA SER A 112 -16.99 -23.95 -25.64
C SER A 112 -16.00 -24.03 -24.54
N ASP A 113 -16.51 -24.00 -23.30
CA ASP A 113 -15.55 -24.06 -22.17
C ASP A 113 -14.88 -25.42 -22.07
N ALA A 114 -15.63 -26.47 -22.49
CA ALA A 114 -15.11 -27.82 -22.43
C ALA A 114 -14.06 -28.02 -23.51
N ILE A 115 -14.36 -27.51 -24.70
CA ILE A 115 -13.45 -27.54 -25.86
C ILE A 115 -12.12 -26.92 -25.54
N ALA A 116 -12.17 -25.78 -24.88
CA ALA A 116 -10.98 -25.06 -24.49
C ALA A 116 -10.07 -25.89 -23.60
N GLU A 117 -10.64 -26.66 -22.67
CA GLU A 117 -9.83 -27.61 -21.88
C GLU A 117 -9.05 -28.65 -22.72
N CYS A 118 -9.43 -28.82 -23.99
CA CYS A 118 -8.81 -29.78 -24.89
C CYS A 118 -7.81 -29.16 -25.86
N VAL A 119 -7.40 -27.91 -25.60
CA VAL A 119 -6.41 -27.21 -26.44
C VAL A 119 -5.22 -26.74 -25.62
N GLN A 120 -4.02 -27.15 -26.03
CA GLN A 120 -2.89 -27.24 -25.11
C GLN A 120 -1.56 -27.37 -25.87
N ASP A 121 -0.55 -26.68 -25.33
CA ASP A 121 0.85 -26.76 -25.78
C ASP A 121 1.35 -28.14 -26.16
N ASP A 122 1.19 -29.12 -25.25
CA ASP A 122 1.73 -30.47 -25.45
C ASP A 122 0.75 -31.47 -26.09
N LEU A 123 -0.47 -31.02 -26.28
CA LEU A 123 -1.49 -31.82 -26.91
C LEU A 123 -1.30 -31.75 -28.40
N PRO A 124 -1.59 -32.87 -29.12
CA PRO A 124 -1.59 -32.90 -30.59
C PRO A 124 -2.42 -31.79 -31.22
N ALA A 125 -2.06 -31.39 -32.44
CA ALA A 125 -2.75 -30.32 -33.22
C ALA A 125 -4.18 -30.70 -33.43
N TRP A 126 -5.05 -29.70 -33.41
CA TRP A 126 -6.46 -29.94 -33.58
C TRP A 126 -6.86 -28.97 -34.66
N PRO A 127 -6.56 -29.31 -35.93
CA PRO A 127 -6.88 -28.33 -36.96
C PRO A 127 -8.36 -28.30 -37.30
N GLU A 128 -9.15 -29.29 -36.84
CA GLU A 128 -10.62 -29.27 -37.07
C GLU A 128 -11.31 -28.19 -36.26
N LEU A 129 -10.72 -27.87 -35.11
CA LEU A 129 -11.22 -26.80 -34.25
C LEU A 129 -11.07 -25.45 -34.97
N LEU A 130 -9.83 -25.18 -35.38
CA LEU A 130 -9.51 -24.01 -36.15
C LEU A 130 -10.52 -23.84 -37.25
N GLN A 131 -10.73 -24.88 -38.04
CA GLN A 131 -11.67 -24.79 -39.12
C GLN A 131 -13.10 -24.54 -38.63
N ALA A 132 -13.51 -25.21 -37.56
CA ALA A 132 -14.87 -24.99 -37.02
C ALA A 132 -15.07 -23.53 -36.58
N LEU A 133 -14.04 -22.94 -35.95
CA LEU A 133 -14.17 -21.57 -35.40
C LEU A 133 -14.34 -20.58 -36.56
N ILE A 134 -13.51 -20.73 -37.59
CA ILE A 134 -13.58 -19.83 -38.73
C ILE A 134 -14.96 -19.90 -39.39
N GLU A 135 -15.49 -21.09 -39.60
CA GLU A 135 -16.83 -21.17 -40.21
C GLU A 135 -17.93 -20.65 -39.28
N SER A 136 -17.82 -20.92 -37.99
CA SER A 136 -18.84 -20.48 -37.05
C SER A 136 -18.86 -18.95 -36.99
N LEU A 137 -17.70 -18.34 -37.06
CA LEU A 137 -17.62 -16.89 -37.07
C LEU A 137 -18.41 -16.30 -38.23
N LYS A 138 -18.56 -17.03 -39.35
CA LYS A 138 -19.37 -16.56 -40.47
C LYS A 138 -20.84 -17.00 -40.43
N SER A 139 -21.19 -17.99 -39.61
CA SER A 139 -22.60 -18.28 -39.34
C SER A 139 -23.54 -17.08 -39.10
N GLY A 140 -24.79 -17.23 -39.51
CA GLY A 140 -25.83 -16.24 -39.34
C GLY A 140 -26.45 -16.34 -37.96
N ASN A 141 -26.01 -17.33 -37.19
CA ASN A 141 -26.46 -17.48 -35.82
C ASN A 141 -25.53 -16.78 -34.80
N PRO A 142 -26.03 -15.72 -34.13
CA PRO A 142 -25.19 -14.96 -33.22
C PRO A 142 -24.49 -15.88 -32.21
N ASN A 143 -25.21 -16.89 -31.72
CA ASN A 143 -24.70 -17.77 -30.65
C ASN A 143 -23.45 -18.49 -31.06
N PHE A 144 -23.37 -18.82 -32.34
CA PHE A 144 -22.16 -19.44 -32.93
C PHE A 144 -21.02 -18.45 -33.02
N ARG A 145 -21.34 -17.20 -33.39
CA ARG A 145 -20.31 -16.21 -33.50
C ARG A 145 -19.79 -15.85 -32.09
N GLU A 146 -20.70 -15.59 -31.19
CA GLU A 146 -20.38 -15.23 -29.87
C GLU A 146 -19.56 -16.35 -29.19
N SER A 147 -19.94 -17.61 -29.44
CA SER A 147 -19.29 -18.73 -28.77
C SER A 147 -17.89 -18.94 -29.32
N SER A 148 -17.72 -18.65 -30.61
CA SER A 148 -16.38 -18.69 -31.14
C SER A 148 -15.48 -17.66 -30.50
N PHE A 149 -15.94 -16.43 -30.31
CA PHE A 149 -15.03 -15.45 -29.68
C PHE A 149 -14.80 -15.86 -28.23
N ARG A 150 -15.82 -16.45 -27.62
CA ARG A 150 -15.60 -16.94 -26.24
C ARG A 150 -14.43 -17.98 -26.17
N ILE A 151 -14.39 -18.88 -27.13
CA ILE A 151 -13.27 -19.82 -27.16
C ILE A 151 -11.96 -19.10 -27.41
N LEU A 152 -11.94 -18.12 -28.35
CA LEU A 152 -10.75 -17.29 -28.58
C LEU A 152 -10.38 -16.52 -27.30
N THR A 153 -11.36 -16.21 -26.46
CA THR A 153 -11.01 -15.62 -25.14
C THR A 153 -10.39 -16.62 -24.16
N THR A 154 -10.99 -17.80 -24.06
CA THR A 154 -10.40 -18.82 -23.17
C THR A 154 -9.03 -19.27 -23.63
N VAL A 155 -8.87 -19.41 -24.95
CA VAL A 155 -7.63 -19.88 -25.56
C VAL A 155 -7.03 -18.87 -26.58
N PRO A 156 -6.49 -17.75 -26.10
CA PRO A 156 -6.03 -16.72 -27.02
C PRO A 156 -4.92 -17.18 -27.99
N TYR A 157 -4.15 -18.22 -27.63
CA TYR A 157 -3.19 -18.82 -28.60
C TYR A 157 -3.75 -19.24 -29.95
N LEU A 158 -5.01 -19.64 -29.97
CA LEU A 158 -5.66 -19.94 -31.24
C LEU A 158 -5.58 -18.75 -32.17
N ILE A 159 -5.48 -17.55 -31.60
CA ILE A 159 -5.56 -16.36 -32.48
C ILE A 159 -4.26 -16.29 -33.27
N THR A 160 -3.15 -16.72 -32.66
CA THR A 160 -1.83 -16.82 -33.29
C THR A 160 -1.80 -17.84 -34.45
N ALA A 161 -2.70 -18.82 -34.42
CA ALA A 161 -2.67 -20.03 -35.24
C ALA A 161 -3.48 -19.88 -36.51
N VAL A 162 -4.41 -18.95 -36.52
CA VAL A 162 -5.21 -18.64 -37.69
C VAL A 162 -4.35 -17.72 -38.54
N ASP A 163 -4.49 -17.78 -39.86
CA ASP A 163 -3.81 -16.82 -40.74
C ASP A 163 -4.17 -15.36 -40.40
N ILE A 164 -3.16 -14.50 -40.36
CA ILE A 164 -3.38 -13.11 -40.02
C ILE A 164 -4.42 -12.41 -40.89
N ASN A 165 -4.51 -12.75 -42.19
CA ASN A 165 -5.50 -12.18 -43.09
C ASN A 165 -6.91 -12.72 -42.96
N SER A 166 -7.07 -13.72 -42.11
CA SER A 166 -8.40 -14.17 -41.72
C SER A 166 -8.75 -13.57 -40.36
N ILE A 167 -7.78 -13.51 -39.46
CA ILE A 167 -8.11 -13.14 -38.09
C ILE A 167 -8.41 -11.60 -38.01
N LEU A 168 -7.73 -10.77 -38.81
CA LEU A 168 -8.01 -9.33 -38.85
C LEU A 168 -9.47 -9.05 -39.24
N PRO A 169 -9.94 -9.56 -40.40
CA PRO A 169 -11.35 -9.30 -40.77
C PRO A 169 -12.33 -9.94 -39.81
N ILE A 170 -11.91 -11.03 -39.15
CA ILE A 170 -12.76 -11.63 -38.14
C ILE A 170 -13.04 -10.65 -37.02
N PHE A 171 -12.01 -10.06 -36.44
CA PHE A 171 -12.24 -9.05 -35.40
C PHE A 171 -12.99 -7.79 -35.88
N GLN A 172 -12.69 -7.29 -37.10
CA GLN A 172 -13.35 -6.10 -37.64
C GLN A 172 -14.84 -6.30 -37.89
N SER A 173 -15.19 -7.51 -38.31
CA SER A 173 -16.57 -7.89 -38.50
C SER A 173 -17.17 -8.06 -37.10
N GLY A 174 -16.42 -8.69 -36.21
CA GLY A 174 -16.83 -8.78 -34.83
C GLY A 174 -17.18 -7.45 -34.19
N PHE A 175 -16.37 -6.38 -34.36
CA PHE A 175 -16.62 -5.08 -33.65
C PHE A 175 -17.90 -4.40 -34.13
N THR A 176 -18.39 -4.86 -35.27
CA THR A 176 -19.31 -4.13 -36.12
C THR A 176 -20.57 -5.00 -36.29
N ASP A 177 -20.50 -6.22 -35.74
CA ASP A 177 -21.60 -7.16 -35.77
C ASP A 177 -22.95 -6.53 -35.30
N ALA A 178 -24.05 -6.91 -35.97
CA ALA A 178 -25.42 -6.43 -35.60
C ALA A 178 -25.83 -6.89 -34.19
N SER A 179 -25.28 -8.00 -33.71
CA SER A 179 -25.57 -8.45 -32.35
C SER A 179 -24.68 -7.82 -31.28
N ASP A 180 -25.29 -7.16 -30.32
CA ASP A 180 -24.52 -6.59 -29.23
C ASP A 180 -23.67 -7.65 -28.53
N ASN A 181 -24.26 -8.82 -28.30
CA ASN A 181 -23.57 -9.88 -27.59
C ASN A 181 -22.29 -10.26 -28.31
N VAL A 182 -22.35 -10.28 -29.64
CA VAL A 182 -21.19 -10.69 -30.43
C VAL A 182 -20.16 -9.62 -30.32
N LYS A 183 -20.58 -8.35 -30.40
CA LYS A 183 -19.66 -7.23 -30.19
C LYS A 183 -18.90 -7.36 -28.89
N ILE A 184 -19.63 -7.56 -27.82
CA ILE A 184 -19.02 -7.59 -26.50
C ILE A 184 -17.99 -8.74 -26.46
N ALA A 185 -18.33 -9.89 -27.08
CA ALA A 185 -17.44 -11.07 -27.07
C ALA A 185 -16.24 -10.76 -28.00
N ALA A 186 -16.48 -10.10 -29.13
CA ALA A 186 -15.32 -9.69 -29.96
C ALA A 186 -14.34 -8.80 -29.18
N VAL A 187 -14.91 -7.80 -28.50
CA VAL A 187 -14.12 -6.89 -27.71
C VAL A 187 -13.37 -7.65 -26.63
N THR A 188 -14.08 -8.55 -25.93
CA THR A 188 -13.54 -9.30 -24.86
C THR A 188 -12.41 -10.18 -25.38
N ALA A 189 -12.62 -10.85 -26.54
CA ALA A 189 -11.52 -11.69 -27.10
C ALA A 189 -10.31 -10.87 -27.53
N PHE A 190 -10.58 -9.70 -28.10
CA PHE A 190 -9.52 -8.81 -28.58
C PHE A 190 -8.69 -8.35 -27.43
N VAL A 191 -9.29 -7.88 -26.37
CA VAL A 191 -8.49 -7.48 -25.21
C VAL A 191 -7.83 -8.67 -24.48
N GLY A 192 -8.52 -9.80 -24.44
CA GLY A 192 -7.97 -11.01 -23.78
C GLY A 192 -6.63 -11.44 -24.39
N TYR A 193 -6.48 -11.15 -25.66
CA TYR A 193 -5.30 -11.49 -26.38
C TYR A 193 -4.10 -10.78 -25.77
N PHE A 194 -4.27 -9.51 -25.45
CA PHE A 194 -3.19 -8.72 -24.91
C PHE A 194 -3.01 -9.11 -23.47
N LYS A 195 -4.08 -9.54 -22.83
CA LYS A 195 -3.98 -10.01 -21.44
C LYS A 195 -3.05 -11.23 -21.26
N GLN A 196 -2.96 -12.06 -22.28
CA GLN A 196 -2.51 -13.43 -22.11
C GLN A 196 -1.22 -13.70 -22.85
N LEU A 197 -0.95 -12.95 -23.91
CA LEU A 197 0.18 -13.23 -24.76
C LEU A 197 1.38 -12.36 -24.44
N PRO A 198 2.60 -12.79 -24.85
CA PRO A 198 3.73 -11.87 -24.61
C PRO A 198 3.61 -10.63 -25.49
N LYS A 199 4.17 -9.52 -25.03
CA LYS A 199 4.15 -8.24 -25.76
C LYS A 199 4.70 -8.33 -27.17
N SER A 200 5.64 -9.22 -27.38
CA SER A 200 6.23 -9.45 -28.70
C SER A 200 5.17 -9.91 -29.69
N GLU A 201 4.00 -10.32 -29.20
CA GLU A 201 2.92 -10.75 -30.12
C GLU A 201 1.86 -9.66 -30.32
N TRP A 202 2.00 -8.57 -29.59
CA TRP A 202 0.92 -7.61 -29.50
C TRP A 202 0.74 -6.85 -30.81
N SER A 203 1.83 -6.59 -31.53
CA SER A 203 1.77 -5.68 -32.69
C SER A 203 0.96 -6.24 -33.83
N LYS A 204 0.44 -7.42 -33.62
CA LYS A 204 -0.12 -8.17 -34.68
C LYS A 204 -1.62 -8.00 -34.64
N LEU A 205 -2.17 -7.68 -33.45
CA LEU A 205 -3.53 -7.22 -33.35
C LEU A 205 -3.64 -5.74 -33.04
N GLY A 206 -2.55 -5.15 -32.56
CA GLY A 206 -2.58 -3.74 -32.17
C GLY A 206 -3.20 -2.84 -33.25
N ILE A 207 -2.90 -3.20 -34.51
CA ILE A 207 -3.33 -2.40 -35.62
C ILE A 207 -4.85 -2.32 -35.71
N LEU A 208 -5.53 -3.18 -34.98
CA LEU A 208 -7.02 -3.12 -35.00
C LEU A 208 -7.65 -2.10 -34.03
N LEU A 209 -6.84 -1.49 -33.15
CA LEU A 209 -7.45 -0.56 -32.22
C LEU A 209 -8.35 0.52 -32.87
N PRO A 210 -7.89 1.19 -33.97
CA PRO A 210 -8.79 2.25 -34.51
C PRO A 210 -10.14 1.68 -35.03
N SER A 211 -10.18 0.48 -35.59
CA SER A 211 -11.49 -0.10 -35.94
C SER A 211 -12.35 -0.24 -34.73
N LEU A 212 -11.76 -0.72 -33.62
CA LEU A 212 -12.54 -0.82 -32.38
C LEU A 212 -13.06 0.57 -31.96
N LEU A 213 -12.15 1.54 -31.90
CA LEU A 213 -12.55 2.87 -31.41
C LEU A 213 -13.60 3.45 -32.34
N ASN A 214 -13.40 3.33 -33.65
CA ASN A 214 -14.38 3.77 -34.67
C ASN A 214 -15.74 3.07 -34.58
N SER A 215 -15.83 1.94 -33.88
CA SER A 215 -17.13 1.26 -33.79
C SER A 215 -17.98 1.83 -32.66
N LEU A 216 -17.34 2.61 -31.81
CA LEU A 216 -18.00 3.04 -30.56
C LEU A 216 -19.20 3.98 -30.72
N PRO A 217 -19.19 4.92 -31.68
CA PRO A 217 -20.36 5.84 -31.79
C PRO A 217 -21.66 5.15 -32.08
N ARG A 218 -21.58 3.98 -32.69
CA ARG A 218 -22.77 3.24 -33.02
C ARG A 218 -23.55 2.82 -31.78
N PHE A 219 -22.87 2.57 -30.66
CA PHE A 219 -23.62 2.19 -29.48
C PHE A 219 -24.54 3.34 -29.05
N LEU A 220 -24.09 4.60 -29.17
CA LEU A 220 -25.02 5.68 -28.82
C LEU A 220 -26.13 5.90 -29.84
N ASP A 221 -25.92 5.53 -31.10
CA ASP A 221 -26.92 5.69 -32.18
C ASP A 221 -28.10 4.73 -31.96
N ASP A 222 -27.75 3.48 -31.70
CA ASP A 222 -28.73 2.48 -31.33
C ASP A 222 -29.30 2.61 -29.93
N GLY A 223 -28.77 3.54 -29.13
CA GLY A 223 -29.15 3.68 -27.71
C GLY A 223 -28.87 2.43 -26.86
N LYS A 224 -27.67 1.87 -27.03
CA LYS A 224 -27.30 0.60 -26.40
C LYS A 224 -26.19 0.84 -25.38
N ASP A 225 -26.53 1.56 -24.33
CA ASP A 225 -25.54 2.13 -23.42
C ASP A 225 -24.98 1.12 -22.43
N ASP A 226 -25.82 0.19 -22.03
CA ASP A 226 -25.39 -0.95 -21.24
C ASP A 226 -24.27 -1.77 -21.93
N ALA A 227 -24.45 -2.01 -23.23
CA ALA A 227 -23.46 -2.68 -24.02
C ALA A 227 -22.20 -1.80 -24.14
N LEU A 228 -22.41 -0.47 -24.22
CA LEU A 228 -21.30 0.47 -24.28
C LEU A 228 -20.48 0.34 -22.99
N ALA A 229 -21.15 0.28 -21.86
CA ALA A 229 -20.46 0.18 -20.60
C ALA A 229 -19.54 -1.03 -20.58
N SER A 230 -20.02 -2.19 -21.03
CA SER A 230 -19.14 -3.40 -21.02
C SER A 230 -17.95 -3.21 -21.91
N VAL A 231 -18.15 -2.58 -23.08
CA VAL A 231 -17.00 -2.32 -23.96
C VAL A 231 -16.04 -1.32 -23.30
N PHE A 232 -16.57 -0.35 -22.57
CA PHE A 232 -15.69 0.59 -21.85
C PHE A 232 -14.91 -0.21 -20.85
N GLU A 233 -15.53 -1.18 -20.17
CA GLU A 233 -14.79 -2.03 -19.22
C GLU A 233 -13.60 -2.77 -19.86
N SER A 234 -13.78 -3.27 -21.06
CA SER A 234 -12.66 -4.00 -21.68
C SER A 234 -11.62 -2.99 -22.03
N LEU A 235 -12.07 -1.78 -22.47
CA LEU A 235 -11.12 -0.75 -22.90
C LEU A 235 -10.29 -0.28 -21.71
N ILE A 236 -10.92 -0.20 -20.54
CA ILE A 236 -10.19 0.11 -19.33
C ILE A 236 -9.05 -0.93 -19.06
N GLU A 237 -9.34 -2.23 -19.28
CA GLU A 237 -8.30 -3.22 -19.09
C GLU A 237 -7.23 -3.04 -20.13
N LEU A 238 -7.60 -2.76 -21.37
CA LEU A 238 -6.56 -2.45 -22.39
C LEU A 238 -5.69 -1.24 -22.09
N VAL A 239 -6.26 -0.19 -21.50
CA VAL A 239 -5.42 0.95 -21.14
C VAL A 239 -4.33 0.57 -20.12
N GLU A 240 -4.63 -0.32 -19.20
CA GLU A 240 -3.70 -0.73 -18.17
C GLU A 240 -2.63 -1.64 -18.66
N LEU A 241 -2.80 -2.18 -19.87
CA LEU A 241 -1.87 -3.08 -20.51
C LEU A 241 -1.06 -2.39 -21.57
N ALA A 242 -1.73 -1.56 -22.39
CA ALA A 242 -1.04 -0.95 -23.50
C ALA A 242 -1.47 0.48 -23.73
N PRO A 243 -1.21 1.37 -22.79
CA PRO A 243 -1.76 2.73 -22.97
C PRO A 243 -1.25 3.42 -24.20
N LYS A 244 0.01 3.24 -24.55
CA LYS A 244 0.52 3.97 -25.73
C LYS A 244 -0.12 3.56 -27.04
N LEU A 245 -0.73 2.40 -27.09
CA LEU A 245 -1.48 2.01 -28.30
C LEU A 245 -2.54 3.09 -28.59
N PHE A 246 -2.91 3.88 -27.59
CA PHE A 246 -4.04 4.84 -27.73
C PHE A 246 -3.54 6.19 -28.15
N LYS A 247 -2.22 6.35 -28.21
CA LYS A 247 -1.62 7.70 -28.48
C LYS A 247 -2.22 8.42 -29.67
N ASP A 248 -2.26 7.79 -30.83
CA ASP A 248 -2.71 8.51 -32.00
C ASP A 248 -4.15 8.92 -32.00
N MET A 249 -4.98 8.25 -31.23
CA MET A 249 -6.37 8.61 -31.32
C MET A 249 -6.81 9.19 -29.96
N PHE A 250 -5.84 9.64 -29.20
CA PHE A 250 -6.10 10.01 -27.83
C PHE A 250 -7.22 11.08 -27.71
N ASP A 251 -7.11 12.14 -28.50
CA ASP A 251 -8.19 13.13 -28.61
C ASP A 251 -9.48 12.57 -28.96
N GLN A 252 -9.50 11.56 -29.82
CA GLN A 252 -10.82 11.04 -30.18
C GLN A 252 -11.44 10.30 -28.99
N ILE A 253 -10.66 9.56 -28.21
CA ILE A 253 -11.28 8.87 -27.06
C ILE A 253 -11.76 9.81 -25.95
N ILE A 254 -10.97 10.85 -25.75
CA ILE A 254 -11.29 11.92 -24.81
C ILE A 254 -12.58 12.60 -25.17
N GLN A 255 -12.70 12.98 -26.44
CA GLN A 255 -13.90 13.66 -26.92
C GLN A 255 -15.10 12.74 -26.84
N PHE A 256 -14.89 11.45 -27.09
CA PHE A 256 -15.99 10.49 -27.02
C PHE A 256 -16.48 10.29 -25.57
N THR A 257 -15.55 10.17 -24.65
CA THR A 257 -15.97 10.00 -23.26
C THR A 257 -16.67 11.27 -22.77
N ASP A 258 -16.17 12.41 -23.20
CA ASP A 258 -16.81 13.67 -22.93
C ASP A 258 -18.28 13.65 -23.37
N MET A 259 -18.48 13.29 -24.63
CA MET A 259 -19.82 13.22 -25.16
C MET A 259 -20.78 12.31 -24.42
N VAL A 260 -20.30 11.15 -23.99
CA VAL A 260 -21.14 10.26 -23.22
C VAL A 260 -21.54 10.81 -21.88
N ILE A 261 -20.58 11.35 -21.13
CA ILE A 261 -20.83 11.78 -19.79
C ILE A 261 -21.83 12.97 -19.76
N LYS A 262 -21.74 13.87 -20.74
CA LYS A 262 -22.67 15.02 -20.91
C LYS A 262 -24.11 14.63 -21.21
N ASN A 263 -24.31 13.47 -21.80
CA ASN A 263 -25.64 13.07 -22.23
C ASN A 263 -26.26 12.50 -20.97
N LYS A 264 -26.97 13.36 -20.25
CA LYS A 264 -27.29 12.98 -18.89
C LYS A 264 -28.69 12.40 -18.75
N ASP A 265 -29.18 11.93 -19.88
CA ASP A 265 -30.34 11.05 -20.01
C ASP A 265 -29.90 9.61 -20.18
N LEU A 266 -28.59 9.39 -20.24
CA LEU A 266 -28.03 8.07 -20.35
C LEU A 266 -28.06 7.54 -18.95
N GLU A 267 -28.07 6.23 -18.79
CA GLU A 267 -28.05 5.72 -17.42
C GLU A 267 -26.64 5.80 -16.86
N PRO A 268 -26.51 5.76 -15.57
CA PRO A 268 -25.17 5.90 -14.96
C PRO A 268 -24.06 4.97 -15.46
N PRO A 269 -24.31 3.67 -15.76
CA PRO A 269 -23.12 2.78 -16.07
C PRO A 269 -22.27 3.21 -17.27
N ALA A 270 -22.91 3.66 -18.35
CA ALA A 270 -22.15 4.19 -19.48
C ALA A 270 -21.34 5.40 -19.07
N ARG A 271 -21.87 6.18 -18.12
CA ARG A 271 -21.24 7.46 -17.75
C ARG A 271 -20.21 7.24 -16.73
N THR A 272 -20.45 6.35 -15.79
CA THR A 272 -19.39 6.04 -14.83
C THR A 272 -18.20 5.30 -15.44
N THR A 273 -18.44 4.35 -16.33
CA THR A 273 -17.35 3.64 -16.98
C THR A 273 -16.64 4.54 -17.99
N ALA A 274 -17.38 5.41 -18.67
CA ALA A 274 -16.66 6.41 -19.51
C ALA A 274 -15.65 7.25 -18.69
N LEU A 275 -16.11 7.70 -17.52
CA LEU A 275 -15.26 8.53 -16.67
C LEU A 275 -14.03 7.68 -16.26
N GLU A 276 -14.28 6.42 -15.88
CA GLU A 276 -13.21 5.50 -15.48
C GLU A 276 -12.15 5.32 -16.57
N LEU A 277 -12.62 5.15 -17.80
CA LEU A 277 -11.73 5.13 -18.96
C LEU A 277 -10.92 6.36 -18.99
N LEU A 278 -11.55 7.53 -18.88
CA LEU A 278 -10.70 8.78 -18.79
C LEU A 278 -9.67 8.71 -17.70
N THR A 279 -10.09 8.32 -16.51
CA THR A 279 -9.30 8.41 -15.32
C THR A 279 -8.07 7.54 -15.40
N VAL A 280 -8.24 6.33 -15.94
CA VAL A 280 -7.21 5.33 -15.97
C VAL A 280 -6.03 5.68 -16.89
N PHE A 281 -6.22 6.57 -17.86
CA PHE A 281 -5.02 7.11 -18.57
C PHE A 281 -4.08 7.86 -17.68
N SER A 282 -4.62 8.58 -16.69
CA SER A 282 -3.70 9.32 -15.82
C SER A 282 -2.85 8.35 -14.99
N GLU A 283 -3.40 7.17 -14.68
CA GLU A 283 -2.65 6.17 -13.91
C GLU A 283 -1.66 5.37 -14.75
N ASN A 284 -1.81 5.33 -16.06
CA ASN A 284 -1.00 4.41 -16.87
C ASN A 284 -0.18 5.16 -17.91
N ALA A 285 -0.54 6.39 -18.23
CA ALA A 285 0.22 7.13 -19.21
C ALA A 285 0.22 8.60 -18.77
N PRO A 286 0.96 8.90 -17.67
CA PRO A 286 0.85 10.29 -17.16
C PRO A 286 1.50 11.28 -18.09
N GLN A 287 2.64 10.93 -18.71
CA GLN A 287 3.33 11.82 -19.69
C GLN A 287 2.42 12.17 -20.90
N MET A 288 1.76 11.17 -21.41
CA MET A 288 0.79 11.34 -22.45
C MET A 288 -0.38 12.25 -22.02
N CYS A 289 -0.91 12.11 -20.82
CA CYS A 289 -2.01 13.03 -20.43
C CYS A 289 -1.51 14.47 -20.30
N LYS A 290 -0.30 14.63 -19.77
CA LYS A 290 0.31 15.92 -19.51
C LYS A 290 0.76 16.61 -20.79
N SER A 291 1.08 15.81 -21.82
CA SER A 291 1.51 16.41 -23.08
C SER A 291 0.28 16.88 -23.89
N ASN A 292 -0.94 16.74 -23.32
CA ASN A 292 -2.17 17.10 -24.02
C ASN A 292 -3.17 17.95 -23.20
N GLN A 293 -3.23 19.28 -23.36
CA GLN A 293 -4.05 20.13 -22.46
C GLN A 293 -5.52 19.74 -22.49
N ASN A 294 -5.94 19.05 -23.56
CA ASN A 294 -7.33 18.60 -23.67
C ASN A 294 -7.78 17.58 -22.60
N TYR A 295 -6.86 16.69 -22.21
CA TYR A 295 -7.20 15.63 -21.28
C TYR A 295 -7.62 16.31 -19.96
N GLY A 296 -6.74 17.18 -19.49
CA GLY A 296 -6.93 17.82 -18.18
C GLY A 296 -8.19 18.61 -18.17
N GLN A 297 -8.51 19.27 -19.28
CA GLN A 297 -9.66 20.19 -19.38
C GLN A 297 -10.96 19.44 -19.43
N THR A 298 -10.97 18.37 -20.24
CA THR A 298 -12.14 17.51 -20.31
C THR A 298 -12.32 16.83 -18.96
N LEU A 299 -11.26 16.32 -18.36
CA LEU A 299 -11.39 15.56 -17.09
C LEU A 299 -11.95 16.41 -15.96
N VAL A 300 -11.47 17.64 -15.87
CA VAL A 300 -11.97 18.58 -14.84
C VAL A 300 -13.43 18.96 -15.13
N MET A 301 -13.70 19.23 -16.39
CA MET A 301 -15.06 19.64 -16.78
C MET A 301 -16.05 18.57 -16.47
N VAL A 302 -15.74 17.33 -16.86
CA VAL A 302 -16.77 16.28 -16.69
C VAL A 302 -16.91 15.86 -15.23
N THR A 303 -15.85 15.90 -14.45
CA THR A 303 -16.08 15.59 -13.02
C THR A 303 -16.87 16.70 -12.36
N LEU A 304 -16.63 17.94 -12.78
CA LEU A 304 -17.46 19.07 -12.25
C LEU A 304 -18.94 18.95 -12.63
N ILE A 305 -19.22 18.48 -13.82
CA ILE A 305 -20.64 18.23 -14.21
C ILE A 305 -21.24 17.19 -13.32
N MET A 306 -20.56 16.07 -13.14
CA MET A 306 -21.08 14.95 -12.31
C MET A 306 -21.21 15.27 -10.85
N MET A 307 -20.33 16.14 -10.30
CA MET A 307 -20.42 16.55 -8.91
C MET A 307 -21.66 17.38 -8.57
N THR A 308 -22.33 17.88 -9.60
CA THR A 308 -23.53 18.68 -9.38
C THR A 308 -24.76 17.85 -9.30
N GLU A 309 -24.60 16.56 -9.52
CA GLU A 309 -25.75 15.69 -9.57
C GLU A 309 -26.10 15.19 -8.18
N VAL A 310 -26.61 16.11 -7.35
CA VAL A 310 -27.03 15.79 -6.00
C VAL A 310 -28.41 16.34 -5.71
N SER A 311 -29.08 15.71 -4.75
CA SER A 311 -30.38 16.14 -4.29
C SER A 311 -31.27 16.37 -5.51
N ILE A 312 -31.19 15.52 -6.51
CA ILE A 312 -31.95 15.77 -7.71
C ILE A 312 -33.42 15.79 -7.38
N ASP A 313 -34.15 16.69 -8.04
CA ASP A 313 -35.58 16.85 -7.74
C ASP A 313 -35.85 17.22 -6.32
N ASP A 314 -34.89 17.83 -5.60
CA ASP A 314 -35.11 18.18 -4.20
C ASP A 314 -34.30 19.41 -3.84
N ASP A 315 -34.72 20.55 -4.37
CA ASP A 315 -33.95 21.76 -4.27
C ASP A 315 -33.70 22.31 -2.88
N ASP A 316 -34.56 22.00 -1.93
CA ASP A 316 -34.43 22.52 -0.57
C ASP A 316 -33.55 21.60 0.24
N ALA A 317 -33.38 20.38 -0.23
CA ALA A 317 -32.51 19.42 0.38
C ALA A 317 -33.22 18.81 1.58
N ALA A 318 -34.49 19.11 1.73
CA ALA A 318 -35.20 18.50 2.80
C ALA A 318 -34.69 17.07 3.13
N GLU A 319 -34.61 16.19 2.14
CA GLU A 319 -34.21 14.81 2.46
C GLU A 319 -32.81 14.76 3.07
N TRP A 320 -31.94 15.64 2.59
CA TRP A 320 -30.57 15.61 2.99
C TRP A 320 -30.41 16.23 4.36
N ILE A 321 -31.21 17.26 4.64
CA ILE A 321 -31.21 17.90 5.92
C ILE A 321 -31.70 17.00 7.02
N GLU A 322 -32.58 16.07 6.64
CA GLU A 322 -33.28 15.23 7.58
C GLU A 322 -32.52 13.94 7.85
N SER A 323 -31.43 13.69 7.16
CA SER A 323 -30.80 12.38 7.34
C SER A 323 -29.56 12.45 8.21
N ASP A 324 -28.92 11.31 8.42
CA ASP A 324 -27.74 11.31 9.30
C ASP A 324 -26.52 11.74 8.50
N ASP A 325 -25.37 11.81 9.14
CA ASP A 325 -24.17 12.33 8.48
C ASP A 325 -23.45 11.25 7.74
N THR A 326 -24.16 10.39 7.08
CA THR A 326 -23.53 9.49 6.12
C THR A 326 -23.81 9.95 4.68
N ASP A 327 -23.11 9.36 3.71
CA ASP A 327 -23.32 9.59 2.25
C ASP A 327 -24.63 8.97 1.74
N ASP A 328 -25.30 9.65 0.82
CA ASP A 328 -26.50 9.08 0.18
C ASP A 328 -26.02 8.13 -0.94
N GLU A 329 -26.30 6.86 -0.81
CA GLU A 329 -25.68 5.89 -1.73
C GLU A 329 -26.36 5.85 -3.11
N GLU A 330 -27.46 6.61 -3.22
CA GLU A 330 -28.10 6.92 -4.48
C GLU A 330 -27.30 7.99 -5.31
N GLU A 331 -26.42 8.74 -4.69
CA GLU A 331 -25.65 9.72 -5.47
C GLU A 331 -24.39 9.13 -6.12
N VAL A 332 -24.63 8.28 -7.11
CA VAL A 332 -23.60 7.44 -7.72
C VAL A 332 -22.59 8.21 -8.55
N THR A 333 -23.08 9.01 -9.48
CA THR A 333 -22.20 9.75 -10.37
C THR A 333 -21.40 10.77 -9.54
N TYR A 334 -22.05 11.37 -8.53
CA TYR A 334 -21.36 12.35 -7.71
C TYR A 334 -20.18 11.66 -6.99
N ASP A 335 -20.44 10.48 -6.46
CA ASP A 335 -19.37 9.76 -5.73
C ASP A 335 -18.20 9.41 -6.59
N HIS A 336 -18.53 8.93 -7.78
CA HIS A 336 -17.59 8.63 -8.79
C HIS A 336 -16.77 9.79 -9.26
N ALA A 337 -17.40 10.91 -9.47
CA ALA A 337 -16.65 12.11 -9.84
C ALA A 337 -15.64 12.56 -8.78
N ARG A 338 -16.04 12.47 -7.52
CA ARG A 338 -15.10 12.89 -6.47
C ARG A 338 -13.84 12.00 -6.44
N GLN A 339 -14.02 10.70 -6.50
CA GLN A 339 -12.85 9.79 -6.48
C GLN A 339 -12.03 9.86 -7.75
N ALA A 340 -12.66 10.14 -8.89
CA ALA A 340 -11.92 10.35 -10.15
C ALA A 340 -11.03 11.59 -10.14
N LEU A 341 -11.58 12.73 -9.73
CA LEU A 341 -10.77 13.96 -9.67
C LEU A 341 -9.60 13.71 -8.77
N ASP A 342 -9.89 13.16 -7.60
CA ASP A 342 -8.88 12.87 -6.59
C ASP A 342 -7.85 12.02 -7.27
N ARG A 343 -8.27 10.91 -7.88
CA ARG A 343 -7.25 10.02 -8.49
C ARG A 343 -6.36 10.67 -9.55
N VAL A 344 -6.94 11.43 -10.45
CA VAL A 344 -6.13 12.09 -11.45
C VAL A 344 -5.26 13.20 -10.83
N ALA A 345 -5.79 13.99 -9.88
CA ALA A 345 -4.97 15.01 -9.26
C ALA A 345 -3.73 14.34 -8.65
N LEU A 346 -3.91 13.21 -7.99
CA LEU A 346 -2.85 12.58 -7.30
C LEU A 346 -1.76 12.11 -8.27
N LYS A 347 -2.16 11.67 -9.45
CA LYS A 347 -1.24 11.25 -10.48
C LYS A 347 -0.59 12.36 -11.25
N LEU A 348 -1.34 13.41 -11.59
CA LEU A 348 -0.82 14.45 -12.48
C LEU A 348 -0.23 15.73 -11.80
N GLY A 349 -0.68 16.08 -10.59
CA GLY A 349 -0.01 17.17 -9.87
C GLY A 349 -0.66 18.51 -10.23
N GLY A 350 -0.30 19.56 -9.51
CA GLY A 350 -1.03 20.82 -9.63
C GLY A 350 -0.53 21.66 -10.77
N GLU A 351 0.77 21.56 -11.03
CA GLU A 351 1.37 22.20 -12.19
C GLU A 351 0.44 22.02 -13.40
N TYR A 352 0.02 20.78 -13.62
CA TYR A 352 -0.91 20.46 -14.68
C TYR A 352 -2.41 20.71 -14.40
N LEU A 353 -2.98 20.39 -13.25
CA LEU A 353 -4.42 20.69 -13.19
C LEU A 353 -4.91 21.91 -12.51
N ALA A 354 -4.08 22.66 -11.78
CA ALA A 354 -4.75 23.67 -10.94
C ALA A 354 -5.41 24.73 -11.80
N ALA A 355 -4.70 25.17 -12.81
CA ALA A 355 -5.23 26.18 -13.74
C ALA A 355 -6.57 25.75 -14.31
N PRO A 356 -6.64 24.58 -14.99
CA PRO A 356 -7.98 24.27 -15.52
C PRO A 356 -9.03 24.12 -14.40
N LEU A 357 -8.61 23.57 -13.27
CA LEU A 357 -9.54 23.46 -12.14
C LEU A 357 -10.05 24.85 -11.74
N PHE A 358 -9.12 25.73 -11.50
CA PHE A 358 -9.50 27.03 -11.01
C PHE A 358 -10.30 27.87 -11.97
N GLN A 359 -10.07 27.69 -13.28
CA GLN A 359 -10.87 28.36 -14.34
C GLN A 359 -12.31 28.16 -14.09
N TYR A 360 -12.62 26.94 -13.71
CA TYR A 360 -14.00 26.60 -13.50
C TYR A 360 -14.51 26.99 -12.12
N LEU A 361 -13.69 26.82 -11.08
CA LEU A 361 -14.23 27.06 -9.74
C LEU A 361 -14.62 28.56 -9.57
N GLN A 362 -13.77 29.45 -10.10
CA GLN A 362 -14.01 30.91 -9.98
C GLN A 362 -15.45 31.17 -10.41
N GLN A 363 -15.85 30.44 -11.42
CA GLN A 363 -17.12 30.68 -12.02
C GLN A 363 -18.29 29.97 -11.30
N MET A 364 -18.09 28.71 -10.92
CA MET A 364 -19.07 28.01 -10.13
C MET A 364 -19.35 28.63 -8.74
N ILE A 365 -18.34 29.18 -8.09
CA ILE A 365 -18.58 29.85 -6.79
C ILE A 365 -19.69 30.90 -6.92
N THR A 366 -19.82 31.52 -8.11
CA THR A 366 -20.76 32.64 -8.27
C THR A 366 -22.12 32.31 -8.87
N SER A 367 -22.37 31.06 -9.26
CA SER A 367 -23.62 30.68 -9.91
C SER A 367 -24.80 30.85 -8.96
N THR A 368 -26.00 31.04 -9.53
CA THR A 368 -27.20 31.03 -8.67
C THR A 368 -27.73 29.63 -8.49
N GLU A 369 -27.12 28.67 -9.16
CA GLU A 369 -27.45 27.28 -8.85
C GLU A 369 -26.59 26.80 -7.70
N TRP A 370 -27.27 26.44 -6.61
CA TRP A 370 -26.59 25.99 -5.40
C TRP A 370 -25.72 24.75 -5.66
N ARG A 371 -26.25 23.84 -6.48
CA ARG A 371 -25.55 22.61 -6.90
C ARG A 371 -24.17 22.85 -7.45
N GLU A 372 -23.98 23.98 -8.11
CA GLU A 372 -22.67 24.36 -8.67
C GLU A 372 -21.74 24.98 -7.68
N ARG A 373 -22.32 25.67 -6.68
CA ARG A 373 -21.52 26.26 -5.62
C ARG A 373 -21.02 25.10 -4.70
N PHE A 374 -21.86 24.12 -4.45
CA PHE A 374 -21.45 22.92 -3.72
C PHE A 374 -20.37 22.17 -4.51
N ALA A 375 -20.67 21.88 -5.79
CA ALA A 375 -19.72 21.17 -6.62
C ALA A 375 -18.38 21.75 -6.50
N ALA A 376 -18.34 23.08 -6.43
CA ALA A 376 -17.05 23.80 -6.44
C ALA A 376 -16.24 23.41 -5.22
N MET A 377 -16.92 23.34 -4.09
CA MET A 377 -16.25 23.07 -2.82
C MET A 377 -15.79 21.59 -2.82
N MET A 378 -16.68 20.71 -3.27
CA MET A 378 -16.32 19.31 -3.26
C MET A 378 -15.23 19.03 -4.25
N ALA A 379 -15.17 19.75 -5.39
CA ALA A 379 -14.09 19.50 -6.35
C ALA A 379 -12.72 19.92 -5.81
N LEU A 380 -12.69 21.05 -5.12
CA LEU A 380 -11.45 21.49 -4.49
C LEU A 380 -10.96 20.48 -3.44
N SER A 381 -11.94 19.99 -2.67
CA SER A 381 -11.76 19.03 -1.66
C SER A 381 -11.12 17.81 -2.29
N SER A 382 -11.61 17.37 -3.47
CA SER A 382 -11.04 16.18 -4.13
C SER A 382 -9.61 16.38 -4.66
N ALA A 383 -9.37 17.58 -5.20
CA ALA A 383 -8.16 17.88 -5.92
C ALA A 383 -7.04 18.39 -5.00
N ALA A 384 -7.35 18.84 -3.76
CA ALA A 384 -6.34 19.58 -2.99
C ALA A 384 -5.12 18.77 -2.70
N GLU A 385 -5.24 17.48 -2.38
CA GLU A 385 -4.04 16.75 -2.05
C GLU A 385 -3.12 16.59 -3.25
N GLY A 386 -3.68 16.13 -4.34
CA GLY A 386 -2.82 15.91 -5.51
C GLY A 386 -2.23 17.19 -6.07
N CYS A 387 -2.94 18.29 -5.92
CA CYS A 387 -2.46 19.59 -6.36
C CYS A 387 -1.75 20.41 -5.26
N ALA A 388 -1.46 19.80 -4.12
CA ALA A 388 -0.81 20.51 -2.98
C ALA A 388 0.47 21.26 -3.32
N ASP A 389 1.33 20.66 -4.13
CA ASP A 389 2.62 21.23 -4.52
C ASP A 389 2.51 22.67 -5.04
N VAL A 390 1.36 23.02 -5.61
CA VAL A 390 1.10 24.34 -6.09
C VAL A 390 0.15 25.06 -5.13
N LEU A 391 -0.93 24.38 -4.69
CA LEU A 391 -1.97 25.08 -3.97
C LEU A 391 -1.53 25.51 -2.58
N ILE A 392 -0.46 24.92 -2.06
CA ILE A 392 0.01 25.21 -0.72
C ILE A 392 0.52 26.64 -0.65
N GLY A 393 0.80 27.21 -1.83
CA GLY A 393 1.25 28.57 -1.99
C GLY A 393 0.09 29.55 -2.25
N GLU A 394 -1.16 29.11 -2.36
CA GLU A 394 -2.25 29.98 -2.82
C GLU A 394 -3.39 29.89 -1.86
N ILE A 395 -2.95 29.76 -0.65
CA ILE A 395 -3.78 29.47 0.46
C ILE A 395 -4.65 30.70 0.83
N PRO A 396 -4.05 31.91 0.90
CA PRO A 396 -5.02 33.06 1.10
C PRO A 396 -6.04 33.18 0.01
N LYS A 397 -5.61 32.97 -1.22
CA LYS A 397 -6.56 33.01 -2.36
C LYS A 397 -7.75 32.05 -2.25
N ILE A 398 -7.45 30.79 -1.91
CA ILE A 398 -8.46 29.75 -1.67
C ILE A 398 -9.40 30.14 -0.52
N LEU A 399 -8.87 30.65 0.58
CA LEU A 399 -9.77 31.00 1.66
C LEU A 399 -10.66 32.18 1.25
N ASP A 400 -10.08 33.10 0.46
CA ASP A 400 -10.92 34.22 -0.10
C ASP A 400 -12.14 33.70 -0.87
N MET A 401 -12.01 32.57 -1.58
CA MET A 401 -13.16 31.98 -2.30
C MET A 401 -14.09 31.13 -1.43
N VAL A 402 -13.50 30.37 -0.51
CA VAL A 402 -14.26 29.38 0.19
C VAL A 402 -15.02 30.01 1.33
N ILE A 403 -14.32 30.83 2.13
CA ILE A 403 -14.88 31.35 3.39
C ILE A 403 -16.13 32.20 3.16
N PRO A 404 -16.19 32.95 2.04
CA PRO A 404 -17.46 33.68 1.88
C PRO A 404 -18.63 32.76 1.75
N LEU A 405 -18.43 31.54 1.27
CA LEU A 405 -19.56 30.62 1.15
C LEU A 405 -20.06 29.92 2.42
N ILE A 406 -19.24 29.99 3.48
CA ILE A 406 -19.58 29.39 4.77
C ILE A 406 -21.00 29.88 5.20
N ASN A 407 -21.39 31.06 4.72
CA ASN A 407 -22.70 31.64 5.06
C ASN A 407 -23.77 31.64 3.98
N ASP A 408 -23.56 30.80 2.95
CA ASP A 408 -24.48 30.64 1.87
C ASP A 408 -25.89 30.42 2.35
N PRO A 409 -26.86 30.99 1.64
CA PRO A 409 -28.25 30.69 1.99
C PRO A 409 -28.51 29.20 2.02
N HIS A 410 -27.86 28.39 1.19
CA HIS A 410 -28.28 26.96 1.12
C HIS A 410 -27.41 26.10 2.08
N PRO A 411 -28.06 25.32 2.94
CA PRO A 411 -27.23 24.55 3.93
C PRO A 411 -26.25 23.51 3.31
N ARG A 412 -26.58 22.95 2.15
CA ARG A 412 -25.62 22.07 1.48
C ARG A 412 -24.39 22.78 0.96
N VAL A 413 -24.47 24.05 0.60
CA VAL A 413 -23.28 24.75 0.17
C VAL A 413 -22.43 25.00 1.41
N GLN A 414 -23.10 25.27 2.54
CA GLN A 414 -22.39 25.51 3.81
C GLN A 414 -21.59 24.26 4.23
N TYR A 415 -22.25 23.12 4.23
CA TYR A 415 -21.64 21.82 4.52
C TYR A 415 -20.45 21.64 3.58
N GLY A 416 -20.67 21.91 2.28
CA GLY A 416 -19.56 21.94 1.31
C GLY A 416 -18.33 22.75 1.70
N CYS A 417 -18.57 23.94 2.24
CA CYS A 417 -17.46 24.78 2.62
C CYS A 417 -16.70 24.23 3.89
N CYS A 418 -17.42 23.65 4.83
CA CYS A 418 -16.90 22.98 6.00
C CYS A 418 -15.99 21.87 5.51
N ASN A 419 -16.46 21.16 4.49
CA ASN A 419 -15.74 20.04 3.91
C ASN A 419 -14.41 20.47 3.40
N VAL A 420 -14.36 21.57 2.66
CA VAL A 420 -13.06 21.98 2.17
C VAL A 420 -12.13 22.47 3.23
N LEU A 421 -12.66 23.23 4.20
CA LEU A 421 -11.74 23.73 5.25
C LEU A 421 -11.13 22.54 5.99
N GLY A 422 -11.99 21.53 6.25
CA GLY A 422 -11.48 20.29 6.78
C GLY A 422 -10.47 19.58 5.87
N GLN A 423 -10.78 19.44 4.58
CA GLN A 423 -9.85 18.65 3.70
C GLN A 423 -8.49 19.31 3.59
N ILE A 424 -8.50 20.64 3.49
CA ILE A 424 -7.24 21.30 3.34
C ILE A 424 -6.52 21.44 4.65
N SER A 425 -7.21 21.44 5.78
CA SER A 425 -6.43 21.39 7.04
C SER A 425 -5.59 20.11 7.10
N THR A 426 -6.04 19.05 6.43
CA THR A 426 -5.24 17.89 6.37
C THR A 426 -4.19 18.00 5.30
N ASP A 427 -4.61 18.35 4.10
CA ASP A 427 -3.73 18.25 2.96
C ASP A 427 -2.66 19.29 2.92
N PHE A 428 -2.87 20.48 3.51
CA PHE A 428 -1.83 21.52 3.53
C PHE A 428 -1.17 21.67 4.91
N SER A 429 -1.37 20.68 5.80
CA SER A 429 -0.78 20.65 7.10
C SER A 429 0.73 20.41 7.01
N PRO A 430 1.52 20.89 7.99
CA PRO A 430 1.20 21.73 9.15
C PRO A 430 1.19 23.24 8.84
N PHE A 431 1.45 23.63 7.60
CA PHE A 431 1.60 25.05 7.23
C PHE A 431 0.34 25.84 7.39
N ILE A 432 -0.76 25.23 7.01
CA ILE A 432 -1.99 25.95 7.09
C ILE A 432 -2.42 26.22 8.57
N GLN A 433 -2.16 25.27 9.46
CA GLN A 433 -2.49 25.46 10.87
C GLN A 433 -1.70 26.65 11.42
N ARG A 434 -0.45 26.79 11.03
CA ARG A 434 0.40 27.93 11.43
C ARG A 434 -0.05 29.29 10.91
N THR A 435 -0.53 29.30 9.68
CA THR A 435 -0.76 30.57 9.04
C THR A 435 -2.22 30.92 8.82
N ALA A 436 -3.16 30.03 9.01
CA ALA A 436 -4.56 30.43 8.67
C ALA A 436 -5.50 30.08 9.79
N HIS A 437 -4.92 29.79 10.95
CA HIS A 437 -5.73 29.54 12.13
C HIS A 437 -6.72 30.64 12.43
N ASP A 438 -6.26 31.87 12.24
CA ASP A 438 -7.06 33.10 12.52
C ASP A 438 -8.26 33.26 11.59
N ARG A 439 -8.22 32.59 10.42
CA ARG A 439 -9.38 32.60 9.49
C ARG A 439 -10.17 31.30 9.57
N ILE A 440 -9.45 30.17 9.66
CA ILE A 440 -10.17 28.87 9.67
C ILE A 440 -11.00 28.60 10.90
N LEU A 441 -10.41 28.78 12.06
CA LEU A 441 -11.15 28.45 13.28
C LEU A 441 -12.42 29.27 13.46
N PRO A 442 -12.34 30.60 13.28
CA PRO A 442 -13.58 31.42 13.49
C PRO A 442 -14.67 31.04 12.50
N ALA A 443 -14.25 30.76 11.27
CA ALA A 443 -15.15 30.27 10.25
C ALA A 443 -15.79 28.97 10.72
N LEU A 444 -14.99 27.96 11.09
CA LEU A 444 -15.71 26.71 11.57
C LEU A 444 -16.57 26.94 12.84
N ILE A 445 -15.98 27.66 13.79
CA ILE A 445 -16.67 27.91 15.06
C ILE A 445 -18.03 28.62 14.81
N SER A 446 -18.10 29.52 13.84
CA SER A 446 -19.44 30.12 13.55
C SER A 446 -20.51 29.12 13.08
N LYS A 447 -20.08 27.98 12.52
CA LYS A 447 -21.07 27.03 12.08
C LYS A 447 -21.57 26.18 13.24
N LEU A 448 -20.96 26.32 14.41
CA LEU A 448 -21.31 25.34 15.44
C LEU A 448 -22.61 25.66 16.09
N THR A 449 -23.06 26.92 15.92
CA THR A 449 -24.18 27.47 16.69
C THR A 449 -25.44 26.78 16.31
N SER A 450 -26.36 26.66 17.25
CA SER A 450 -27.57 25.86 17.03
C SER A 450 -28.60 26.61 16.15
N GLU A 451 -28.27 27.86 15.84
CA GLU A 451 -28.86 28.55 14.68
C GLU A 451 -28.78 27.67 13.40
N CYS A 452 -27.61 27.06 13.10
CA CYS A 452 -27.38 26.27 11.85
C CYS A 452 -28.03 24.93 11.89
N THR A 453 -28.13 24.33 10.70
CA THR A 453 -28.71 22.99 10.58
C THR A 453 -27.79 21.88 11.19
N SER A 454 -28.41 20.81 11.67
CA SER A 454 -27.68 19.73 12.33
C SER A 454 -26.51 19.26 11.46
N ARG A 455 -26.79 19.04 10.16
CA ARG A 455 -25.77 18.58 9.22
C ARG A 455 -24.61 19.51 9.17
N VAL A 456 -24.87 20.80 9.18
CA VAL A 456 -23.77 21.75 9.06
C VAL A 456 -22.98 21.82 10.37
N GLN A 457 -23.66 21.83 11.53
CA GLN A 457 -22.93 21.88 12.82
C GLN A 457 -22.00 20.64 12.90
N THR A 458 -22.51 19.48 12.50
CA THR A 458 -21.77 18.28 12.54
C THR A 458 -20.59 18.28 11.59
N HIS A 459 -20.78 18.81 10.39
CA HIS A 459 -19.70 18.85 9.45
C HIS A 459 -18.57 19.76 9.84
N ALA A 460 -18.94 20.89 10.44
CA ALA A 460 -17.96 21.87 10.94
C ALA A 460 -17.18 21.21 12.07
N ALA A 461 -17.89 20.49 12.95
CA ALA A 461 -17.23 19.80 14.08
C ALA A 461 -16.26 18.69 13.56
N ALA A 462 -16.66 18.01 12.48
CA ALA A 462 -15.74 17.06 11.85
C ALA A 462 -14.52 17.80 11.33
N ALA A 463 -14.70 18.95 10.66
CA ALA A 463 -13.55 19.70 10.12
C ALA A 463 -12.63 20.20 11.19
N LEU A 464 -13.13 20.38 12.40
CA LEU A 464 -12.24 20.78 13.49
C LEU A 464 -11.35 19.63 13.95
N VAL A 465 -11.75 18.38 13.66
CA VAL A 465 -10.83 17.25 13.85
C VAL A 465 -9.65 17.35 12.86
N ASN A 466 -9.92 17.59 11.59
CA ASN A 466 -8.82 17.71 10.65
C ASN A 466 -7.91 18.82 11.06
N PHE A 467 -8.46 20.00 11.40
CA PHE A 467 -7.56 21.10 11.78
C PHE A 467 -6.69 20.70 13.00
N SER A 468 -7.31 20.10 14.01
CA SER A 468 -6.67 19.90 15.31
C SER A 468 -5.53 18.92 15.19
N GLU A 469 -5.69 17.98 14.28
CA GLU A 469 -4.74 16.93 14.11
C GLU A 469 -3.33 17.46 14.02
N PHE A 470 -3.12 18.59 13.36
CA PHE A 470 -1.76 19.10 13.16
C PHE A 470 -1.48 20.53 13.72
N ALA A 471 -2.39 21.01 14.57
CA ALA A 471 -2.28 22.26 15.31
C ALA A 471 -1.58 22.02 16.66
N SER A 472 -0.57 22.81 16.94
CA SER A 472 0.10 22.76 18.23
C SER A 472 -0.82 23.31 19.31
N LYS A 473 -0.55 22.89 20.52
CA LYS A 473 -1.30 23.31 21.69
C LYS A 473 -1.34 24.84 21.81
N ASP A 474 -0.25 25.53 21.50
CA ASP A 474 -0.15 27.00 21.57
C ASP A 474 -1.06 27.72 20.63
N ILE A 475 -1.21 27.21 19.41
CA ILE A 475 -2.16 27.78 18.48
C ILE A 475 -3.60 27.53 18.90
N LEU A 476 -3.91 26.35 19.45
CA LEU A 476 -5.29 26.12 19.81
C LEU A 476 -5.69 26.88 21.08
N GLU A 477 -4.74 27.08 21.97
CA GLU A 477 -5.01 27.69 23.32
C GLU A 477 -6.01 28.87 23.39
N PRO A 478 -5.78 29.99 22.65
CA PRO A 478 -6.81 31.06 22.77
C PRO A 478 -8.17 30.68 22.22
N TYR A 479 -8.30 29.52 21.60
CA TYR A 479 -9.60 29.20 20.97
C TYR A 479 -10.38 28.17 21.71
N LEU A 480 -9.75 27.57 22.71
CA LEU A 480 -10.38 26.44 23.43
C LEU A 480 -11.71 26.69 24.10
N ASP A 481 -11.79 27.77 24.88
CA ASP A 481 -13.09 28.05 25.62
C ASP A 481 -14.28 28.20 24.72
N SER A 482 -14.07 28.96 23.65
CA SER A 482 -15.06 29.12 22.61
C SER A 482 -15.39 27.80 21.88
N LEU A 483 -14.35 27.05 21.48
CA LEU A 483 -14.53 25.70 20.91
C LEU A 483 -15.34 24.88 21.84
N LEU A 484 -14.96 24.88 23.11
CA LEU A 484 -15.61 24.00 24.06
C LEU A 484 -17.05 24.44 24.42
N THR A 485 -17.28 25.72 24.70
CA THR A 485 -18.65 26.12 24.99
C THR A 485 -19.61 25.76 23.86
N ASN A 486 -19.23 25.98 22.60
CA ASN A 486 -20.03 25.51 21.47
C ASN A 486 -20.29 24.03 21.40
N LEU A 487 -19.23 23.23 21.59
CA LEU A 487 -19.39 21.77 21.47
C LEU A 487 -20.25 21.21 22.59
N LEU A 488 -20.22 21.78 23.78
CA LEU A 488 -21.20 21.36 24.83
C LEU A 488 -22.62 21.53 24.37
N VAL A 489 -22.91 22.59 23.60
CA VAL A 489 -24.29 22.73 23.12
C VAL A 489 -24.59 21.63 22.14
N LEU A 490 -23.61 21.29 21.29
CA LEU A 490 -23.80 20.20 20.36
C LEU A 490 -24.02 18.92 21.11
N LEU A 491 -23.39 18.82 22.27
CA LEU A 491 -23.58 17.66 23.12
C LEU A 491 -25.04 17.52 23.58
N GLN A 492 -25.75 18.62 23.66
CA GLN A 492 -27.15 18.58 24.05
C GLN A 492 -28.18 18.41 22.93
N SER A 493 -27.76 17.97 21.73
CA SER A 493 -28.67 17.88 20.59
C SER A 493 -29.63 16.74 20.76
N ASN A 494 -30.68 16.77 19.98
CA ASN A 494 -31.71 15.74 20.05
C ASN A 494 -31.36 14.69 19.06
N LYS A 495 -30.39 14.99 18.18
CA LYS A 495 -29.95 14.02 17.20
C LYS A 495 -28.71 13.26 17.62
N LEU A 496 -28.78 11.94 17.58
CA LEU A 496 -27.72 11.09 18.07
C LEU A 496 -26.39 11.39 17.38
N TYR A 497 -26.45 11.61 16.06
CA TYR A 497 -25.22 11.79 15.31
C TYR A 497 -24.51 13.10 15.61
N VAL A 498 -25.21 14.08 16.19
CA VAL A 498 -24.59 15.36 16.51
C VAL A 498 -23.86 15.18 17.81
N GLN A 499 -24.44 14.36 18.68
CA GLN A 499 -23.84 14.15 19.98
C GLN A 499 -22.50 13.39 19.83
N GLU A 500 -22.56 12.36 19.02
CA GLU A 500 -21.48 11.46 18.68
C GLU A 500 -20.34 12.26 18.06
N GLN A 501 -20.67 13.17 17.15
CA GLN A 501 -19.64 13.99 16.52
C GLN A 501 -19.10 14.96 17.55
N ALA A 502 -19.97 15.56 18.37
CA ALA A 502 -19.50 16.48 19.39
C ALA A 502 -18.40 15.84 20.26
N LEU A 503 -18.69 14.66 20.74
CA LEU A 503 -17.79 13.91 21.61
C LEU A 503 -16.42 13.65 20.97
N THR A 504 -16.40 13.29 19.71
CA THR A 504 -15.17 12.92 19.05
C THR A 504 -14.39 14.18 18.77
N THR A 505 -15.08 15.28 18.50
CA THR A 505 -14.42 16.51 18.20
C THR A 505 -13.73 17.03 19.45
N ILE A 506 -14.41 16.91 20.58
CA ILE A 506 -13.82 17.39 21.83
C ILE A 506 -12.58 16.53 22.16
N ALA A 507 -12.73 15.21 22.05
CA ALA A 507 -11.61 14.22 22.28
C ALA A 507 -10.36 14.56 21.48
N PHE A 508 -10.54 14.96 20.22
CA PHE A 508 -9.41 15.19 19.36
C PHE A 508 -8.84 16.55 19.56
N ILE A 509 -9.69 17.50 19.91
CA ILE A 509 -9.16 18.81 20.33
C ILE A 509 -8.40 18.68 21.59
N ALA A 510 -8.94 17.91 22.55
CA ALA A 510 -8.18 17.65 23.78
C ALA A 510 -6.86 16.95 23.52
N GLU A 511 -6.86 15.93 22.64
CA GLU A 511 -5.56 15.34 22.25
C GLU A 511 -4.54 16.37 21.79
N ALA A 512 -4.97 17.31 20.91
CA ALA A 512 -3.99 18.29 20.45
C ALA A 512 -3.65 19.32 21.52
N ALA A 513 -4.62 19.70 22.36
CA ALA A 513 -4.39 20.69 23.42
C ALA A 513 -3.45 20.17 24.54
N LYS A 514 -3.36 18.88 24.79
CA LYS A 514 -2.46 18.34 25.84
C LYS A 514 -2.68 19.00 27.21
N ASN A 515 -1.60 19.43 27.86
CA ASN A 515 -1.69 20.00 29.19
C ASN A 515 -2.48 21.29 29.18
N LYS A 516 -2.68 21.94 28.00
CA LYS A 516 -3.55 23.14 27.96
C LYS A 516 -5.00 22.82 28.21
N PHE A 517 -5.34 21.53 28.24
CA PHE A 517 -6.70 21.11 28.39
C PHE A 517 -7.00 20.90 29.86
N ILE A 518 -6.00 21.02 30.74
CA ILE A 518 -6.22 20.69 32.16
C ILE A 518 -7.33 21.55 32.76
N LYS A 519 -7.40 22.80 32.37
CA LYS A 519 -8.44 23.62 32.95
C LYS A 519 -9.89 23.32 32.51
N TYR A 520 -10.08 22.46 31.51
CA TYR A 520 -11.40 22.19 31.00
C TYR A 520 -11.91 20.87 31.55
N TYR A 521 -11.02 20.17 32.23
CA TYR A 521 -11.31 18.83 32.67
C TYR A 521 -12.47 18.74 33.65
N ASP A 522 -12.55 19.65 34.61
CA ASP A 522 -13.60 19.58 35.60
C ASP A 522 -14.93 19.92 34.95
N THR A 523 -15.01 20.65 33.85
CA THR A 523 -16.37 20.85 33.31
C THR A 523 -16.82 19.65 32.47
N LEU A 524 -15.88 19.14 31.69
CA LEU A 524 -16.16 18.05 30.77
C LEU A 524 -16.36 16.70 31.44
N MET A 525 -15.50 16.32 32.35
CA MET A 525 -15.56 14.94 32.89
C MET A 525 -16.90 14.46 33.50
N PRO A 526 -17.64 15.31 34.23
CA PRO A 526 -18.94 14.91 34.76
C PRO A 526 -20.01 14.77 33.67
N LEU A 527 -19.95 15.66 32.68
CA LEU A 527 -20.85 15.52 31.51
C LEU A 527 -20.68 14.15 30.85
N LEU A 528 -19.43 13.72 30.81
CA LEU A 528 -19.05 12.47 30.20
C LEU A 528 -19.45 11.26 31.07
N LEU A 529 -19.15 11.35 32.36
CA LEU A 529 -19.60 10.33 33.33
C LEU A 529 -21.15 10.12 33.27
N ASN A 530 -21.90 11.24 33.30
CA ASN A 530 -23.37 11.18 33.12
C ASN A 530 -23.84 10.49 31.84
N VAL A 531 -23.27 10.82 30.70
CA VAL A 531 -23.58 10.04 29.47
C VAL A 531 -23.32 8.56 29.67
N LEU A 532 -22.16 8.18 30.23
CA LEU A 532 -21.85 6.74 30.37
C LEU A 532 -22.74 5.99 31.39
N LYS A 533 -23.24 6.67 32.43
CA LYS A 533 -24.03 5.99 33.48
C LYS A 533 -25.50 5.78 33.14
N VAL A 534 -26.02 6.54 32.19
CA VAL A 534 -27.41 6.48 31.69
C VAL A 534 -28.14 5.11 31.80
N ASN A 539 -27.64 2.90 22.26
CA ASN A 539 -26.74 4.04 22.16
C ASN A 539 -25.28 3.62 22.51
N SER A 540 -24.85 2.50 21.93
CA SER A 540 -23.52 1.88 22.02
C SER A 540 -22.37 2.73 21.53
N VAL A 541 -22.54 3.29 20.33
CA VAL A 541 -21.56 4.14 19.70
C VAL A 541 -21.32 5.37 20.53
N LEU A 542 -22.38 5.87 21.17
CA LEU A 542 -22.30 7.08 21.97
C LEU A 542 -21.41 6.76 23.18
N LYS A 543 -21.69 5.64 23.85
CA LYS A 543 -20.89 5.20 24.97
C LYS A 543 -19.42 4.98 24.61
N GLY A 544 -19.17 4.35 23.47
CA GLY A 544 -17.80 4.09 23.00
C GLY A 544 -17.08 5.39 22.72
N LYS A 545 -17.76 6.33 22.05
CA LYS A 545 -17.16 7.61 21.67
C LYS A 545 -16.96 8.44 22.91
N CYS A 546 -17.85 8.23 23.86
CA CYS A 546 -17.69 8.85 25.16
C CYS A 546 -16.45 8.30 25.98
N MET A 547 -16.21 7.00 25.94
CA MET A 547 -15.09 6.43 26.67
C MET A 547 -13.81 6.84 25.94
N GLU A 548 -13.86 6.89 24.63
CA GLU A 548 -12.78 7.43 23.87
C GLU A 548 -12.46 8.88 24.25
N CYS A 549 -13.50 9.72 24.35
CA CYS A 549 -13.34 11.09 24.75
C CYS A 549 -12.70 11.15 26.13
N ALA A 550 -13.16 10.34 27.08
CA ALA A 550 -12.64 10.39 28.41
C ALA A 550 -11.16 9.97 28.52
N THR A 551 -10.80 8.91 27.79
CA THR A 551 -9.40 8.45 27.94
C THR A 551 -8.44 9.29 27.12
N LEU A 552 -8.87 9.88 25.98
CA LEU A 552 -8.03 10.88 25.33
C LEU A 552 -7.90 12.13 26.19
N ILE A 553 -9.00 12.64 26.80
CA ILE A 553 -8.83 13.71 27.79
C ILE A 553 -7.81 13.28 28.86
N GLY A 554 -7.91 12.03 29.37
CA GLY A 554 -6.93 11.47 30.34
C GLY A 554 -5.46 11.61 29.94
N PHE A 555 -5.19 11.30 28.66
CA PHE A 555 -3.84 11.27 28.19
C PHE A 555 -3.36 12.69 28.03
N ALA A 556 -4.28 13.58 27.64
CA ALA A 556 -3.93 14.99 27.47
C ALA A 556 -3.63 15.65 28.83
N VAL A 557 -4.45 15.40 29.86
CA VAL A 557 -4.20 16.12 31.14
C VAL A 557 -3.15 15.45 32.06
N GLY A 558 -2.79 14.22 31.79
CA GLY A 558 -1.81 13.51 32.55
C GLY A 558 -2.47 12.70 33.64
N LYS A 559 -1.66 11.84 34.22
CA LYS A 559 -2.13 10.80 35.20
C LYS A 559 -2.66 11.38 36.49
N GLU A 560 -1.94 12.36 37.01
CA GLU A 560 -2.36 12.95 38.30
C GLU A 560 -3.79 13.52 38.23
N LYS A 561 -4.08 14.29 37.21
CA LYS A 561 -5.43 14.81 37.01
C LYS A 561 -6.36 13.67 36.60
N PHE A 562 -5.86 12.69 35.80
CA PHE A 562 -6.75 11.61 35.35
C PHE A 562 -7.21 10.81 36.55
N HIS A 563 -6.34 10.75 37.56
CA HIS A 563 -6.75 10.08 38.80
C HIS A 563 -8.01 10.58 39.51
N GLU A 564 -8.48 11.78 39.24
CA GLU A 564 -9.74 12.18 39.90
C GLU A 564 -10.96 11.31 39.51
N HIS A 565 -10.95 10.67 38.32
CA HIS A 565 -12.09 9.84 37.95
C HIS A 565 -11.71 8.46 37.43
N SER A 566 -10.43 8.09 37.54
CA SER A 566 -10.02 6.89 36.86
C SER A 566 -10.67 5.66 37.43
N GLN A 567 -10.72 5.54 38.76
CA GLN A 567 -11.37 4.31 39.31
C GLN A 567 -12.85 4.12 38.86
N GLU A 568 -13.60 5.20 38.91
CA GLU A 568 -15.00 5.13 38.46
C GLU A 568 -15.10 4.86 36.95
N LEU A 569 -14.31 5.59 36.15
CA LEU A 569 -14.20 5.28 34.75
C LEU A 569 -13.82 3.78 34.55
N ILE A 570 -12.82 3.29 35.24
CA ILE A 570 -12.44 1.89 35.06
C ILE A 570 -13.61 0.93 35.41
N SER A 571 -14.41 1.28 36.38
CA SER A 571 -15.47 0.38 36.79
C SER A 571 -16.54 0.34 35.71
N ILE A 572 -16.69 1.45 34.98
CA ILE A 572 -17.67 1.57 33.92
C ILE A 572 -17.23 0.77 32.70
N LEU A 573 -15.94 0.83 32.40
CA LEU A 573 -15.34 0.03 31.36
C LEU A 573 -15.57 -1.41 31.57
N VAL A 574 -15.27 -1.86 32.77
CA VAL A 574 -15.47 -3.24 33.13
C VAL A 574 -16.90 -3.60 32.82
N ALA A 575 -17.85 -2.77 33.26
CA ALA A 575 -19.28 -3.11 33.08
C ALA A 575 -19.56 -3.18 31.62
N LEU A 576 -18.87 -2.35 30.85
CA LEU A 576 -19.19 -2.20 29.44
C LEU A 576 -18.70 -3.42 28.67
N GLN A 577 -17.52 -3.91 29.03
CA GLN A 577 -16.80 -4.95 28.27
C GLN A 577 -17.42 -6.29 28.52
N ASN A 578 -17.94 -6.50 29.73
CA ASN A 578 -18.41 -7.79 30.12
C ASN A 578 -19.90 -7.89 30.02
N SER A 579 -20.54 -7.03 29.23
CA SER A 579 -22.01 -6.96 29.20
C SER A 579 -22.67 -7.81 28.09
N ASP A 585 -20.42 -4.34 18.28
CA ASP A 585 -19.09 -4.72 17.84
C ASP A 585 -18.23 -3.50 17.49
N ALA A 586 -18.86 -2.37 17.18
CA ALA A 586 -18.12 -1.10 17.14
C ALA A 586 -17.66 -0.72 18.57
N LEU A 587 -18.50 -1.01 19.55
CA LEU A 587 -18.19 -0.85 20.95
C LEU A 587 -16.90 -1.56 21.36
N ARG A 588 -16.77 -2.84 21.02
CA ARG A 588 -15.58 -3.65 21.32
C ARG A 588 -14.29 -2.89 21.09
N SER A 589 -14.25 -2.25 19.96
CA SER A 589 -13.01 -1.66 19.52
C SER A 589 -12.75 -0.29 20.24
N TYR A 590 -13.81 0.48 20.56
CA TYR A 590 -13.64 1.68 21.43
C TYR A 590 -13.20 1.24 22.83
N LEU A 591 -13.79 0.14 23.32
CA LEU A 591 -13.37 -0.35 24.64
C LEU A 591 -11.90 -0.77 24.73
N GLU A 592 -11.41 -1.47 23.71
CA GLU A 592 -10.06 -1.98 23.69
C GLU A 592 -9.07 -0.88 23.54
N GLN A 593 -9.41 0.13 22.73
CA GLN A 593 -8.48 1.23 22.58
C GLN A 593 -8.43 2.08 23.89
N SER A 594 -9.56 2.14 24.56
CA SER A 594 -9.61 2.90 25.82
C SER A 594 -8.78 2.23 26.92
N TRP A 595 -8.92 0.92 27.07
CA TRP A 595 -8.05 0.20 27.99
C TRP A 595 -6.61 0.45 27.63
N SER A 596 -6.33 0.32 26.35
CA SER A 596 -4.91 0.53 25.89
C SER A 596 -4.42 1.94 26.21
N ARG A 597 -5.30 2.93 26.12
CA ARG A 597 -4.88 4.32 26.41
C ARG A 597 -4.72 4.52 27.94
N ILE A 598 -5.56 3.86 28.73
CA ILE A 598 -5.39 3.91 30.17
C ILE A 598 -4.01 3.31 30.57
N CYS A 599 -3.61 2.24 29.88
CA CYS A 599 -2.32 1.70 30.11
C CYS A 599 -1.23 2.75 29.84
N ARG A 600 -1.35 3.59 28.79
CA ARG A 600 -0.36 4.61 28.52
C ARG A 600 -0.34 5.69 29.59
N ILE A 601 -1.48 5.93 30.23
CA ILE A 601 -1.60 7.00 31.19
C ILE A 601 -1.05 6.47 32.49
N LEU A 602 -1.55 5.32 32.94
CA LEU A 602 -1.16 4.76 34.26
C LEU A 602 0.28 4.17 34.43
N GLY A 603 0.96 3.90 33.32
CA GLY A 603 2.27 3.23 33.31
C GLY A 603 2.18 1.87 33.99
N ASP A 604 3.17 1.56 34.83
CA ASP A 604 3.13 0.35 35.66
C ASP A 604 1.95 0.19 36.58
N ASP A 605 1.14 1.22 36.86
CA ASP A 605 -0.06 1.01 37.71
C ASP A 605 -1.20 0.32 37.01
N PHE A 606 -1.03 0.12 35.72
CA PHE A 606 -1.94 -0.70 34.94
C PHE A 606 -1.83 -2.19 35.27
N VAL A 607 -0.65 -2.64 35.73
CA VAL A 607 -0.39 -4.08 35.95
C VAL A 607 -1.53 -4.86 36.58
N PRO A 608 -2.15 -4.34 37.66
CA PRO A 608 -3.31 -5.08 38.22
C PRO A 608 -4.57 -5.23 37.30
N LEU A 609 -4.66 -4.48 36.21
CA LEU A 609 -5.78 -4.64 35.26
C LEU A 609 -5.49 -5.67 34.13
N LEU A 610 -4.24 -6.13 34.00
CA LEU A 610 -3.90 -7.16 32.93
C LEU A 610 -4.88 -8.35 32.89
N PRO A 611 -5.23 -8.96 34.05
CA PRO A 611 -6.14 -10.12 33.96
C PRO A 611 -7.56 -9.77 33.42
N ILE A 612 -7.93 -8.49 33.41
CA ILE A 612 -9.22 -8.11 32.86
C ILE A 612 -9.07 -7.97 31.32
N VAL A 613 -7.93 -7.41 30.92
CA VAL A 613 -7.83 -6.87 29.58
C VAL A 613 -7.22 -7.87 28.59
N ILE A 614 -6.21 -8.60 29.06
CA ILE A 614 -5.52 -9.55 28.22
C ILE A 614 -6.28 -10.77 27.74
N PRO A 615 -7.03 -11.47 28.59
CA PRO A 615 -7.67 -12.70 28.09
C PRO A 615 -8.47 -12.55 26.81
N PRO A 616 -9.31 -11.55 26.69
CA PRO A 616 -10.08 -11.50 25.46
C PRO A 616 -9.15 -11.23 24.26
N LEU A 617 -8.02 -10.54 24.46
CA LEU A 617 -7.13 -10.33 23.36
C LEU A 617 -6.42 -11.66 22.99
N LEU A 618 -6.08 -12.46 23.98
CA LEU A 618 -5.57 -13.80 23.70
C LEU A 618 -6.54 -14.61 22.81
N ILE A 619 -7.83 -14.55 23.08
CA ILE A 619 -8.76 -15.38 22.33
C ILE A 619 -8.74 -14.93 20.88
N THR A 620 -9.00 -13.65 20.64
CA THR A 620 -9.03 -13.14 19.28
C THR A 620 -7.73 -13.38 18.53
N ALA A 621 -6.59 -13.22 19.18
CA ALA A 621 -5.30 -13.31 18.50
C ALA A 621 -4.88 -14.78 18.20
N LYS A 622 -5.62 -15.74 18.75
CA LYS A 622 -5.48 -17.15 18.42
C LYS A 622 -6.33 -17.66 17.25
N ALA A 623 -7.22 -16.82 16.70
CA ALA A 623 -8.04 -17.13 15.53
C ALA A 623 -7.24 -17.99 14.51
N THR A 624 -7.86 -19.04 14.00
CA THR A 624 -7.18 -19.86 12.98
C THR A 624 -7.54 -19.43 11.56
N GLN A 625 -6.71 -19.83 10.59
CA GLN A 625 -6.96 -19.51 9.19
C GLN A 625 -8.22 -20.25 8.82
N ASP A 626 -9.33 -19.53 8.82
CA ASP A 626 -10.66 -20.08 8.56
C ASP A 626 -10.81 -20.06 7.06
N VAL A 627 -10.58 -21.24 6.49
CA VAL A 627 -10.63 -21.50 5.06
C VAL A 627 -11.77 -22.49 4.71
N GLY A 628 -12.44 -22.24 3.58
CA GLY A 628 -13.42 -23.16 2.99
C GLY A 628 -13.01 -23.56 1.58
N LEU A 629 -12.60 -24.82 1.42
CA LEU A 629 -12.33 -25.37 0.08
C LEU A 629 -13.64 -25.34 -0.75
N ILE A 630 -13.63 -24.51 -1.79
CA ILE A 630 -14.85 -24.00 -2.42
C ILE A 630 -14.94 -24.32 -3.95
N GLU A 631 -16.12 -24.14 -4.56
CA GLU A 631 -16.28 -24.41 -6.01
C GLU A 631 -16.44 -23.17 -6.84
N GLU A 632 -15.89 -23.17 -8.07
CA GLU A 632 -15.97 -22.05 -9.03
C GLU A 632 -17.27 -21.23 -8.94
N GLU A 633 -18.41 -21.87 -9.18
CA GLU A 633 -19.71 -21.20 -9.15
C GLU A 633 -19.96 -20.51 -7.81
N GLU A 634 -19.75 -21.28 -6.73
CA GLU A 634 -20.09 -20.88 -5.35
C GLU A 634 -19.27 -19.72 -4.80
N ALA A 635 -18.39 -19.17 -5.63
CA ALA A 635 -17.58 -18.01 -5.33
C ALA A 635 -18.35 -16.92 -6.01
N ALA A 636 -17.72 -15.77 -6.18
CA ALA A 636 -18.38 -14.56 -6.66
C ALA A 636 -19.42 -14.04 -5.66
N ASN A 637 -20.45 -14.83 -5.36
CA ASN A 637 -21.44 -14.42 -4.36
C ASN A 637 -20.92 -14.49 -2.91
N PHE A 638 -20.04 -15.47 -2.63
CA PHE A 638 -19.19 -15.46 -1.43
C PHE A 638 -18.37 -14.19 -1.37
N GLN A 639 -17.91 -13.74 -2.54
CA GLN A 639 -17.09 -12.54 -2.67
C GLN A 639 -17.81 -11.23 -2.43
N GLN A 640 -19.15 -11.26 -2.47
CA GLN A 640 -19.99 -10.08 -2.29
C GLN A 640 -19.75 -9.43 -0.97
N TYR A 641 -19.61 -10.30 0.06
CA TYR A 641 -19.34 -9.87 1.42
C TYR A 641 -18.01 -9.19 1.54
N PRO A 642 -18.03 -7.98 2.13
CA PRO A 642 -16.79 -7.27 2.33
C PRO A 642 -15.84 -8.10 3.23
N ASP A 643 -16.44 -8.93 4.10
CA ASP A 643 -15.69 -9.72 5.06
C ASP A 643 -15.11 -11.07 4.54
N TRP A 644 -15.26 -11.34 3.23
CA TRP A 644 -14.68 -12.53 2.65
C TRP A 644 -14.01 -12.17 1.35
N ASP A 645 -12.98 -12.95 1.06
CA ASP A 645 -12.33 -12.94 -0.23
C ASP A 645 -12.10 -14.40 -0.69
N VAL A 646 -12.03 -14.61 -2.01
CA VAL A 646 -11.67 -15.92 -2.59
C VAL A 646 -10.50 -15.72 -3.52
N VAL A 647 -9.54 -16.63 -3.43
CA VAL A 647 -8.34 -16.61 -4.25
C VAL A 647 -8.12 -17.99 -4.88
N GLN A 648 -7.23 -18.11 -5.86
CA GLN A 648 -6.81 -19.43 -6.39
C GLN A 648 -5.33 -19.70 -6.03
N VAL A 649 -5.07 -20.77 -5.29
CA VAL A 649 -3.70 -20.96 -4.77
C VAL A 649 -2.81 -21.86 -5.63
N GLN A 650 -3.35 -22.99 -6.07
CA GLN A 650 -2.54 -24.02 -6.76
C GLN A 650 -3.37 -24.72 -7.83
N GLY A 651 -4.52 -24.10 -8.13
CA GLY A 651 -5.49 -24.59 -9.09
C GLY A 651 -6.91 -24.47 -8.55
N LYS A 652 -7.08 -24.86 -7.27
CA LYS A 652 -8.34 -24.85 -6.55
C LYS A 652 -8.78 -23.47 -6.03
N HIS A 653 -10.04 -23.40 -5.63
CA HIS A 653 -10.65 -22.19 -5.06
C HIS A 653 -10.79 -22.20 -3.56
N ILE A 654 -10.33 -21.15 -2.89
CA ILE A 654 -10.43 -21.10 -1.46
C ILE A 654 -11.16 -19.90 -0.93
N ALA A 655 -12.17 -20.12 -0.10
CA ALA A 655 -12.77 -18.98 0.65
C ALA A 655 -12.11 -18.71 2.02
N ILE A 656 -11.57 -17.51 2.21
CA ILE A 656 -10.93 -17.15 3.49
C ILE A 656 -11.70 -16.02 4.19
N HIS A 657 -11.98 -16.22 5.48
CA HIS A 657 -12.72 -15.23 6.26
C HIS A 657 -11.77 -14.10 6.63
N THR A 658 -11.69 -13.08 5.78
CA THR A 658 -10.71 -11.98 5.93
C THR A 658 -10.91 -11.12 7.21
N SER A 659 -12.12 -10.65 7.50
CA SER A 659 -12.40 -9.87 8.73
C SER A 659 -11.80 -10.54 9.99
N VAL A 660 -12.03 -11.82 10.16
CA VAL A 660 -11.58 -12.57 11.34
C VAL A 660 -10.05 -12.49 11.46
N LEU A 661 -9.36 -12.48 10.33
CA LEU A 661 -7.92 -12.41 10.31
C LEU A 661 -7.46 -10.99 10.49
N ASP A 662 -8.21 -10.01 9.99
CA ASP A 662 -7.94 -8.61 10.35
C ASP A 662 -8.08 -8.44 11.89
N ASP A 663 -9.11 -9.03 12.50
CA ASP A 663 -9.29 -8.91 13.93
C ASP A 663 -8.14 -9.59 14.72
N LYS A 664 -7.68 -10.75 14.26
CA LYS A 664 -6.50 -11.37 14.80
C LYS A 664 -5.29 -10.36 14.78
N VAL A 665 -5.02 -9.73 13.65
CA VAL A 665 -4.03 -8.64 13.58
C VAL A 665 -4.25 -7.55 14.67
N SER A 666 -5.44 -6.95 14.66
CA SER A 666 -5.78 -5.89 15.63
C SER A 666 -5.45 -6.35 17.01
N ALA A 667 -5.80 -7.59 17.36
CA ALA A 667 -5.50 -8.07 18.71
C ALA A 667 -3.99 -8.24 18.93
N MET A 668 -3.28 -8.68 17.89
CA MET A 668 -1.87 -8.88 18.00
C MET A 668 -1.18 -7.53 18.22
N GLU A 669 -1.66 -6.51 17.52
CA GLU A 669 -1.10 -5.15 17.68
C GLU A 669 -1.35 -4.63 19.08
N LEU A 670 -2.51 -4.88 19.68
CA LEU A 670 -2.71 -4.45 21.08
C LEU A 670 -1.79 -5.20 22.08
N LEU A 671 -1.64 -6.50 21.89
CA LEU A 671 -0.72 -7.26 22.73
C LEU A 671 0.67 -6.70 22.60
N GLN A 672 1.05 -6.42 21.37
CA GLN A 672 2.35 -5.83 21.08
C GLN A 672 2.57 -4.54 21.77
N SER A 673 1.52 -3.71 21.84
CA SER A 673 1.71 -2.40 22.41
C SER A 673 1.72 -2.50 23.95
N TYR A 674 0.91 -3.40 24.56
CA TYR A 674 1.07 -3.72 26.00
C TYR A 674 2.45 -4.26 26.36
N ALA A 675 2.98 -5.14 25.50
CA ALA A 675 4.26 -5.71 25.78
C ALA A 675 5.32 -4.63 25.72
N THR A 676 5.24 -3.72 24.73
CA THR A 676 6.19 -2.64 24.60
C THR A 676 6.18 -1.66 25.76
N LEU A 677 5.00 -1.29 26.28
CA LEU A 677 4.87 -0.38 27.43
C LEU A 677 5.19 -1.04 28.75
N LEU A 678 4.75 -2.27 28.95
CA LEU A 678 4.92 -2.90 30.24
C LEU A 678 6.26 -3.64 30.42
N ARG A 679 7.01 -3.84 29.32
CA ARG A 679 8.36 -4.51 29.33
C ARG A 679 8.40 -5.74 30.21
N GLY A 680 9.20 -5.71 31.24
CA GLY A 680 9.36 -6.92 32.08
C GLY A 680 8.08 -7.40 32.71
N GLN A 681 7.16 -6.47 33.01
CA GLN A 681 5.84 -6.81 33.57
C GLN A 681 4.94 -7.60 32.63
N PHE A 682 5.35 -7.76 31.37
CA PHE A 682 4.53 -8.55 30.43
C PHE A 682 5.05 -9.97 30.32
N ALA A 683 6.18 -10.23 30.97
CA ALA A 683 6.92 -11.49 30.81
C ALA A 683 6.04 -12.69 31.03
N VAL A 684 5.27 -12.72 32.09
CA VAL A 684 4.32 -13.82 32.29
C VAL A 684 3.52 -14.27 31.07
N TYR A 685 3.37 -13.43 30.03
CA TYR A 685 2.56 -13.83 28.88
C TYR A 685 3.42 -14.28 27.72
N VAL A 686 4.72 -13.99 27.79
CA VAL A 686 5.60 -14.14 26.62
C VAL A 686 5.58 -15.54 25.97
N LYS A 687 5.66 -16.58 26.80
CA LYS A 687 5.77 -17.96 26.33
C LYS A 687 4.52 -18.24 25.55
N GLU A 688 3.38 -18.00 26.18
CA GLU A 688 2.13 -18.30 25.52
C GLU A 688 1.91 -17.46 24.25
N VAL A 689 2.21 -16.16 24.27
CA VAL A 689 1.95 -15.38 23.06
C VAL A 689 2.90 -15.81 21.92
N MET A 690 4.13 -16.14 22.33
CA MET A 690 5.12 -16.56 21.36
C MET A 690 4.73 -17.88 20.66
N GLU A 691 4.30 -18.89 21.45
CA GLU A 691 4.07 -20.23 20.90
C GLU A 691 2.67 -20.36 20.31
N GLU A 692 1.71 -19.70 20.92
CA GLU A 692 0.33 -19.81 20.44
C GLU A 692 -0.11 -18.70 19.50
N ILE A 693 0.66 -17.61 19.38
CA ILE A 693 0.25 -16.51 18.50
C ILE A 693 1.30 -16.01 17.50
N ALA A 694 2.43 -15.51 18.00
CA ALA A 694 3.45 -14.97 17.10
C ALA A 694 3.91 -16.02 16.06
N LEU A 695 4.45 -17.14 16.55
CA LEU A 695 5.00 -18.21 15.69
C LEU A 695 4.01 -18.89 14.73
N PRO A 696 2.86 -19.38 15.23
CA PRO A 696 1.95 -19.95 14.25
C PRO A 696 1.49 -18.95 13.23
N SER A 697 1.61 -17.65 13.53
CA SER A 697 1.16 -16.64 12.57
C SER A 697 2.00 -16.54 11.30
N LEU A 698 3.28 -16.94 11.40
CA LEU A 698 4.15 -16.97 10.24
C LEU A 698 3.63 -17.95 9.17
N ASP A 699 2.93 -19.01 9.60
CA ASP A 699 2.34 -20.02 8.70
C ASP A 699 0.99 -19.66 8.12
N PHE A 700 0.59 -18.38 8.24
CA PHE A 700 -0.71 -17.96 7.68
C PHE A 700 -0.52 -17.45 6.23
N TYR A 701 -0.38 -18.39 5.29
CA TYR A 701 -0.01 -18.10 3.89
C TYR A 701 -1.12 -17.33 3.13
N LEU A 702 -2.35 -17.37 3.62
CA LEU A 702 -3.46 -16.61 3.02
C LEU A 702 -3.72 -15.13 3.45
N HIS A 703 -2.89 -14.59 4.37
CA HIS A 703 -3.11 -13.24 4.86
C HIS A 703 -1.78 -12.68 5.34
N ASP A 704 -1.26 -11.70 4.63
CA ASP A 704 0.10 -11.30 4.95
C ASP A 704 0.22 -10.41 6.18
N GLY A 705 -0.87 -9.72 6.51
CA GLY A 705 -0.93 -8.90 7.72
C GLY A 705 -0.65 -9.76 8.92
N VAL A 706 -1.30 -10.91 9.01
CA VAL A 706 -0.99 -11.83 10.11
C VAL A 706 0.50 -12.17 10.21
N ARG A 707 1.09 -12.49 9.06
CA ARG A 707 2.49 -12.93 8.99
C ARG A 707 3.34 -11.79 9.45
N ALA A 708 3.06 -10.58 8.99
CA ALA A 708 3.87 -9.47 9.41
C ALA A 708 3.65 -9.22 10.94
N ALA A 709 2.43 -9.34 11.43
CA ALA A 709 2.17 -8.96 12.77
C ALA A 709 2.81 -10.00 13.71
N GLY A 710 2.79 -11.26 13.29
CA GLY A 710 3.57 -12.28 13.95
C GLY A 710 5.04 -11.93 14.02
N ALA A 711 5.62 -11.47 12.93
CA ALA A 711 7.05 -11.16 12.91
C ALA A 711 7.39 -10.04 13.86
N THR A 712 6.63 -8.95 13.82
CA THR A 712 7.01 -7.83 14.71
C THR A 712 6.83 -8.14 16.19
N LEU A 713 5.92 -9.05 16.52
CA LEU A 713 5.75 -9.45 17.91
C LEU A 713 7.02 -10.10 18.48
N ILE A 714 7.72 -10.87 17.66
CA ILE A 714 8.90 -11.67 18.13
C ILE A 714 9.93 -10.93 18.98
N PRO A 715 10.64 -9.92 18.43
CA PRO A 715 11.68 -9.26 19.24
C PRO A 715 11.16 -8.60 20.49
N ILE A 716 9.91 -8.10 20.41
CA ILE A 716 9.30 -7.43 21.54
C ILE A 716 8.99 -8.40 22.69
N LEU A 717 8.44 -9.57 22.34
CA LEU A 717 8.25 -10.65 23.31
C LEU A 717 9.59 -11.01 24.01
N LEU A 718 10.61 -11.36 23.23
CA LEU A 718 11.92 -11.69 23.81
C LEU A 718 12.38 -10.58 24.76
N SER A 719 12.37 -9.34 24.29
CA SER A 719 12.83 -8.26 25.13
C SER A 719 12.05 -8.12 26.46
N CYS A 720 10.79 -8.55 26.52
CA CYS A 720 10.06 -8.54 27.76
C CYS A 720 10.56 -9.61 28.71
N LEU A 721 10.80 -10.81 28.20
CA LEU A 721 11.27 -11.88 29.04
C LEU A 721 12.67 -11.51 29.55
N LEU A 722 13.56 -11.07 28.66
CA LEU A 722 14.89 -10.58 29.03
C LEU A 722 14.85 -9.65 30.25
N ALA A 723 14.06 -8.59 30.17
CA ALA A 723 13.99 -7.59 31.25
C ALA A 723 13.47 -8.17 32.57
N ALA A 724 12.66 -9.22 32.52
CA ALA A 724 12.19 -9.87 33.74
C ALA A 724 13.16 -10.95 34.25
N GLU A 730 16.74 -19.72 30.30
CA GLU A 730 16.59 -20.98 29.54
C GLU A 730 15.46 -20.89 28.51
N GLU A 731 14.22 -20.83 28.97
CA GLU A 731 13.12 -20.41 28.15
C GLU A 731 13.49 -19.32 27.12
N LEU A 732 14.09 -18.22 27.56
CA LEU A 732 14.38 -17.13 26.64
C LEU A 732 15.16 -17.67 25.45
N VAL A 733 16.13 -18.53 25.77
CA VAL A 733 17.06 -19.08 24.80
C VAL A 733 16.37 -20.07 23.89
N LEU A 734 15.53 -20.91 24.48
CA LEU A 734 14.70 -21.83 23.70
C LEU A 734 13.77 -21.09 22.73
N LEU A 735 12.91 -20.22 23.27
CA LEU A 735 12.01 -19.40 22.43
C LEU A 735 12.80 -18.64 21.34
N TRP A 736 13.95 -18.06 21.71
CA TRP A 736 14.71 -17.32 20.67
C TRP A 736 15.19 -18.26 19.59
N HIS A 737 15.60 -19.48 19.98
CA HIS A 737 16.05 -20.45 19.00
C HIS A 737 14.88 -20.82 18.07
N LYS A 738 13.72 -21.11 18.66
CA LYS A 738 12.51 -21.41 17.89
C LYS A 738 12.10 -20.28 16.97
N ALA A 739 12.13 -19.06 17.52
CA ALA A 739 11.61 -17.92 16.77
C ALA A 739 12.55 -17.56 15.65
N SER A 740 13.85 -17.46 15.92
CA SER A 740 14.85 -17.15 14.87
C SER A 740 14.78 -18.19 13.75
N SER A 741 14.53 -19.47 14.12
CA SER A 741 14.54 -20.55 13.12
C SER A 741 13.35 -20.52 12.18
N LYS A 742 12.18 -20.15 12.69
CA LYS A 742 11.00 -19.94 11.83
C LYS A 742 11.14 -18.64 11.01
N LEU A 743 11.75 -17.62 11.59
CA LEU A 743 12.07 -16.44 10.82
C LEU A 743 12.98 -16.79 9.61
N ILE A 744 14.15 -17.40 9.92
CA ILE A 744 15.05 -17.91 8.90
C ILE A 744 14.38 -18.76 7.80
N GLY A 745 13.72 -19.82 8.22
CA GLY A 745 12.90 -20.63 7.34
C GLY A 745 11.91 -19.87 6.48
N GLY A 746 11.37 -18.76 6.98
CA GLY A 746 10.39 -17.97 6.20
C GLY A 746 11.00 -17.34 4.98
N LEU A 747 12.32 -17.10 5.03
CA LEU A 747 13.07 -16.38 3.98
C LEU A 747 13.13 -17.12 2.64
N MET A 748 13.07 -18.45 2.69
CA MET A 748 13.11 -19.25 1.47
C MET A 748 11.73 -19.60 0.92
N SER A 749 10.69 -19.28 1.67
CA SER A 749 9.34 -19.75 1.34
C SER A 749 8.38 -18.58 1.14
N GLU A 750 8.56 -17.55 1.94
CA GLU A 750 7.76 -16.38 1.85
C GLU A 750 7.76 -15.84 0.39
N PRO A 751 6.58 -15.80 -0.25
CA PRO A 751 6.45 -15.24 -1.63
C PRO A 751 6.40 -13.70 -1.75
N MET A 752 5.88 -13.01 -0.75
CA MET A 752 5.73 -11.56 -0.83
C MET A 752 7.02 -10.85 -0.37
N PRO A 753 7.65 -10.07 -1.25
CA PRO A 753 8.85 -9.31 -0.90
C PRO A 753 8.64 -8.41 0.31
N GLU A 754 7.48 -7.79 0.41
CA GLU A 754 7.22 -6.90 1.57
C GLU A 754 7.28 -7.68 2.91
N ILE A 755 6.76 -8.90 2.95
CA ILE A 755 6.88 -9.75 4.13
C ILE A 755 8.33 -10.20 4.45
N THR A 756 9.01 -10.75 3.44
CA THR A 756 10.45 -11.05 3.52
C THR A 756 11.21 -9.96 4.29
N GLN A 757 10.88 -8.70 3.99
CA GLN A 757 11.52 -7.56 4.60
C GLN A 757 11.26 -7.54 6.09
N VAL A 758 10.05 -7.89 6.48
CA VAL A 758 9.66 -7.76 7.88
C VAL A 758 10.46 -8.79 8.68
N TYR A 759 10.62 -9.99 8.10
CA TYR A 759 11.43 -11.08 8.70
C TYR A 759 12.90 -10.68 8.91
N HIS A 760 13.54 -10.09 7.91
CA HIS A 760 14.90 -9.58 8.09
C HIS A 760 14.94 -8.58 9.20
N ASN A 761 14.06 -7.60 9.12
CA ASN A 761 13.98 -6.58 10.20
C ASN A 761 13.73 -7.26 11.54
N SER A 762 12.84 -8.24 11.51
CA SER A 762 12.55 -8.93 12.74
C SER A 762 13.79 -9.69 13.31
N LEU A 763 14.56 -10.32 12.43
CA LEU A 763 15.88 -10.93 12.82
C LEU A 763 16.82 -9.93 13.39
N VAL A 764 16.96 -8.83 12.70
CA VAL A 764 17.83 -7.78 13.17
C VAL A 764 17.42 -7.39 14.59
N ASN A 765 16.11 -7.19 14.84
CA ASN A 765 15.67 -6.72 16.16
C ASN A 765 15.80 -7.77 17.17
N GLY A 766 15.50 -9.01 16.78
CA GLY A 766 15.77 -10.20 17.64
C GLY A 766 17.26 -10.26 18.03
N ILE A 767 18.17 -10.23 17.04
CA ILE A 767 19.61 -10.22 17.31
C ILE A 767 20.02 -9.09 18.26
N LYS A 768 19.53 -7.89 18.00
CA LYS A 768 19.81 -6.74 18.84
C LYS A 768 19.38 -6.99 20.33
N VAL A 769 18.29 -7.73 20.54
CA VAL A 769 17.81 -8.00 21.87
C VAL A 769 18.62 -9.06 22.53
N MET A 770 18.81 -10.19 21.85
CA MET A 770 19.50 -11.38 22.37
C MET A 770 21.03 -11.24 22.52
N GLY A 771 21.67 -10.31 21.80
CA GLY A 771 23.10 -9.95 21.96
C GLY A 771 24.19 -10.68 21.19
N ASP A 772 25.23 -11.09 21.92
CA ASP A 772 26.42 -11.80 21.39
C ASP A 772 26.24 -13.28 21.12
N ASN A 773 26.59 -13.71 19.91
CA ASN A 773 26.54 -15.12 19.54
C ASN A 773 25.21 -15.83 19.74
N CYS A 774 24.15 -15.14 19.35
CA CYS A 774 22.79 -15.61 19.53
C CYS A 774 22.40 -16.58 18.44
N LEU A 775 23.29 -16.79 17.48
CA LEU A 775 22.97 -17.72 16.40
C LEU A 775 23.89 -18.95 16.39
N SER A 776 23.39 -20.08 15.88
CA SER A 776 24.23 -21.28 15.78
C SER A 776 24.70 -21.46 14.35
N GLU A 777 25.60 -22.42 14.12
CA GLU A 777 26.23 -22.57 12.79
C GLU A 777 25.25 -22.96 11.69
N ASP A 778 24.34 -23.86 12.00
CA ASP A 778 23.36 -24.30 11.02
C ASP A 778 22.43 -23.15 10.68
N GLN A 779 22.04 -22.36 11.71
CA GLN A 779 21.19 -21.17 11.51
C GLN A 779 21.88 -20.17 10.56
N LEU A 780 23.17 -19.91 10.83
CA LEU A 780 24.02 -19.06 9.97
C LEU A 780 24.10 -19.54 8.51
N ALA A 781 24.10 -20.85 8.34
CA ALA A 781 24.10 -21.43 7.02
C ALA A 781 22.72 -21.35 6.36
N ALA A 782 21.65 -21.64 7.14
CA ALA A 782 20.26 -21.59 6.63
C ALA A 782 19.82 -20.16 6.33
N PHE A 783 20.44 -19.19 7.02
CA PHE A 783 20.20 -17.78 6.78
C PHE A 783 20.79 -17.37 5.43
N THR A 784 21.93 -17.99 5.10
CA THR A 784 22.66 -17.64 3.91
C THR A 784 21.89 -18.04 2.68
N LYS A 785 21.25 -19.20 2.75
CA LYS A 785 20.49 -19.72 1.66
C LYS A 785 19.31 -18.83 1.44
N GLY A 786 18.63 -18.47 2.54
CA GLY A 786 17.52 -17.51 2.53
C GLY A 786 17.95 -16.18 1.94
N VAL A 787 19.08 -15.64 2.38
CA VAL A 787 19.56 -14.38 1.83
C VAL A 787 19.82 -14.51 0.33
N SER A 788 20.32 -15.67 -0.07
CA SER A 788 20.63 -15.92 -1.49
C SER A 788 19.35 -16.06 -2.33
N ALA A 789 18.41 -16.86 -1.88
CA ALA A 789 17.13 -16.95 -2.59
C ALA A 789 16.43 -15.60 -2.68
N ASN A 790 16.52 -14.78 -1.62
CA ASN A 790 15.97 -13.44 -1.64
C ASN A 790 16.68 -12.56 -2.68
N LEU A 791 18.00 -12.68 -2.76
CA LEU A 791 18.77 -11.86 -3.69
C LEU A 791 18.47 -12.35 -5.11
N THR A 792 18.41 -13.66 -5.28
CA THR A 792 18.15 -14.24 -6.59
C THR A 792 16.80 -13.76 -7.15
N ASP A 793 15.72 -13.85 -6.37
CA ASP A 793 14.38 -13.44 -6.83
C ASP A 793 14.21 -11.93 -6.97
N THR A 794 15.02 -11.15 -6.25
CA THR A 794 14.99 -9.70 -6.45
C THR A 794 15.63 -9.33 -7.78
N TYR A 795 16.78 -9.95 -8.09
CA TYR A 795 17.45 -9.82 -9.38
C TYR A 795 16.48 -10.11 -10.52
N GLU A 796 15.84 -11.28 -10.46
CA GLU A 796 14.87 -11.74 -11.46
C GLU A 796 13.69 -10.76 -11.71
N ARG A 797 13.08 -10.25 -10.63
CA ARG A 797 11.99 -9.27 -10.74
C ARG A 797 12.47 -7.91 -11.28
N MET A 798 13.73 -7.57 -11.02
CA MET A 798 14.28 -6.27 -11.39
C MET A 798 14.84 -6.18 -12.80
N GLN A 799 15.30 -7.32 -13.31
CA GLN A 799 15.72 -7.42 -14.70
C GLN A 799 14.43 -7.58 -15.53
N ASP A 800 13.36 -6.90 -15.10
CA ASP A 800 12.05 -6.82 -15.78
C ASP A 800 11.50 -5.39 -15.68
N ARG A 801 12.39 -4.43 -15.90
CA ARG A 801 12.09 -2.98 -15.90
C ARG A 801 13.38 -2.15 -15.84
N ASP A 806 9.21 1.51 -23.25
CA ASP A 806 8.65 0.40 -24.03
C ASP A 806 7.66 0.91 -25.13
N GLU A 807 7.43 0.08 -26.16
CA GLU A 807 6.52 0.43 -27.27
C GLU A 807 5.10 0.82 -26.81
N TYR A 808 4.66 0.25 -25.70
CA TYR A 808 3.27 0.17 -25.30
C TYR A 808 3.01 0.82 -23.97
N ASN A 809 4.07 0.91 -23.16
CA ASN A 809 4.05 1.52 -21.83
C ASN A 809 4.99 2.66 -21.66
N GLU A 810 4.62 3.53 -20.73
CA GLU A 810 5.46 4.65 -20.31
C GLU A 810 6.54 4.13 -19.41
N ASP A 817 8.77 0.36 -7.23
CA ASP A 817 9.77 -0.64 -6.86
C ASP A 817 10.71 -0.14 -5.79
N PHE A 818 10.15 0.56 -4.81
CA PHE A 818 10.80 0.83 -3.55
C PHE A 818 10.66 -0.46 -2.75
N THR A 819 9.57 -1.18 -2.98
CA THR A 819 9.38 -2.53 -2.43
C THR A 819 10.69 -3.32 -2.46
N ASP A 820 11.36 -3.31 -3.63
CA ASP A 820 12.65 -3.97 -3.84
C ASP A 820 13.79 -3.25 -3.17
N GLU A 821 13.79 -1.92 -3.24
CA GLU A 821 14.84 -1.15 -2.61
C GLU A 821 14.80 -1.40 -1.10
N ASP A 822 13.61 -1.43 -0.52
CA ASP A 822 13.43 -1.52 0.91
C ASP A 822 13.84 -2.87 1.41
N LEU A 823 13.43 -3.92 0.70
CA LEU A 823 13.88 -5.26 1.04
C LEU A 823 15.43 -5.34 1.04
N LEU A 824 16.09 -4.80 0.01
CA LEU A 824 17.57 -4.82 -0.02
C LEU A 824 18.17 -4.03 1.10
N ASP A 825 17.48 -2.95 1.47
CA ASP A 825 17.92 -2.11 2.59
C ASP A 825 17.97 -2.98 3.83
N GLU A 826 16.99 -3.85 4.01
CA GLU A 826 16.90 -4.57 5.27
C GLU A 826 17.88 -5.75 5.26
N ILE A 827 18.05 -6.35 4.08
CA ILE A 827 18.99 -7.47 3.95
C ILE A 827 20.39 -6.99 4.34
N ASN A 828 20.74 -5.77 3.93
CA ASN A 828 21.94 -5.14 4.40
C ASN A 828 22.02 -5.15 5.93
N LYS A 829 20.92 -4.77 6.59
CA LYS A 829 20.92 -4.63 8.03
C LYS A 829 21.10 -6.00 8.65
N SER A 830 20.45 -7.04 8.09
CA SER A 830 20.52 -8.34 8.74
C SER A 830 21.91 -8.98 8.63
N ILE A 831 22.49 -8.85 7.44
CA ILE A 831 23.86 -9.28 7.22
C ILE A 831 24.76 -8.56 8.19
N ALA A 832 24.63 -7.24 8.27
CA ALA A 832 25.47 -6.48 9.16
C ALA A 832 25.27 -7.01 10.58
N ALA A 833 24.00 -7.24 10.92
CA ALA A 833 23.64 -7.67 12.27
C ALA A 833 24.22 -9.03 12.53
N VAL A 834 24.15 -9.90 11.52
CA VAL A 834 24.68 -11.28 11.67
C VAL A 834 26.22 -11.30 11.80
N LEU A 835 26.90 -10.54 10.94
CA LEU A 835 28.31 -10.27 11.08
C LEU A 835 28.73 -9.91 12.52
N LYS A 836 28.10 -8.86 13.07
CA LYS A 836 28.31 -8.38 14.46
C LYS A 836 28.05 -9.41 15.59
N THR A 837 26.95 -10.13 15.50
CA THR A 837 26.68 -11.15 16.52
C THR A 837 27.69 -12.29 16.40
N THR A 838 28.04 -12.72 15.19
CA THR A 838 29.13 -13.72 14.99
C THR A 838 30.52 -13.15 15.27
N ASN A 839 30.63 -11.83 15.33
CA ASN A 839 31.90 -11.16 15.49
C ASN A 839 32.87 -11.51 14.33
N GLY A 840 32.35 -11.62 13.10
CA GLY A 840 33.16 -11.87 11.89
C GLY A 840 32.93 -13.26 11.30
N HIS A 841 32.82 -14.26 12.16
CA HIS A 841 32.70 -15.65 11.71
C HIS A 841 31.78 -15.89 10.56
N TYR A 842 30.84 -14.97 10.36
CA TYR A 842 29.86 -15.06 9.23
C TYR A 842 30.45 -14.70 7.84
N LEU A 843 31.71 -14.23 7.86
CA LEU A 843 32.53 -14.07 6.63
C LEU A 843 32.60 -15.38 5.87
N LYS A 844 32.93 -16.48 6.55
CA LYS A 844 32.94 -17.80 5.89
C LYS A 844 31.69 -18.01 5.03
N ASN A 845 30.53 -18.03 5.68
CA ASN A 845 29.25 -18.31 4.98
C ASN A 845 29.00 -17.26 3.88
N LEU A 846 29.38 -16.04 4.18
CA LEU A 846 29.16 -14.96 3.25
C LEU A 846 29.85 -15.14 1.89
N GLU A 847 30.91 -15.96 1.86
CA GLU A 847 31.68 -16.25 0.64
C GLU A 847 30.87 -16.93 -0.46
N ASN A 848 29.85 -17.69 -0.07
CA ASN A 848 29.11 -18.51 -1.03
C ASN A 848 28.21 -17.73 -1.94
N ILE A 849 27.82 -16.53 -1.50
CA ILE A 849 26.96 -15.70 -2.31
C ILE A 849 27.73 -14.53 -2.92
N TRP A 850 29.05 -14.70 -3.04
CA TRP A 850 29.92 -13.64 -3.60
C TRP A 850 29.66 -13.41 -5.09
N PRO A 851 29.56 -14.49 -5.89
CA PRO A 851 29.11 -14.32 -7.28
C PRO A 851 27.87 -13.44 -7.38
N MET A 852 26.83 -13.76 -6.57
CA MET A 852 25.59 -12.95 -6.49
C MET A 852 25.90 -11.48 -6.25
N ILE A 853 26.57 -11.20 -5.13
CA ILE A 853 27.00 -9.85 -4.80
C ILE A 853 27.68 -9.17 -5.98
N ASN A 854 28.63 -9.88 -6.59
CA ASN A 854 29.44 -9.33 -7.69
C ASN A 854 28.65 -8.89 -8.91
N THR A 855 27.69 -9.71 -9.34
CA THR A 855 26.75 -9.31 -10.42
C THR A 855 26.06 -7.97 -10.15
N PHE A 856 25.61 -7.78 -8.90
CA PHE A 856 24.95 -6.57 -8.43
C PHE A 856 25.84 -5.34 -8.59
N LEU A 857 27.08 -5.48 -8.14
CA LEU A 857 28.06 -4.41 -8.17
C LEU A 857 28.22 -3.78 -9.57
N LEU A 858 28.23 -4.61 -10.62
CA LEU A 858 28.37 -4.09 -11.98
C LEU A 858 27.05 -4.24 -12.73
N GLU A 861 22.25 -0.87 -12.92
CA GLU A 861 21.01 -0.54 -12.22
C GLU A 861 21.26 -0.17 -10.75
N PRO A 862 21.11 1.12 -10.40
CA PRO A 862 21.60 1.71 -9.14
C PRO A 862 21.22 1.00 -7.83
N ILE A 863 19.99 0.51 -7.69
CA ILE A 863 19.53 -0.13 -6.45
C ILE A 863 20.36 -1.39 -6.10
N LEU A 864 20.66 -2.21 -7.10
CA LEU A 864 21.52 -3.39 -6.91
C LEU A 864 22.95 -3.02 -6.55
N VAL A 865 23.34 -1.83 -6.98
CA VAL A 865 24.70 -1.39 -6.87
C VAL A 865 24.92 -0.91 -5.46
N ILE A 866 24.00 -0.04 -5.04
CA ILE A 866 23.98 0.52 -3.69
C ILE A 866 24.02 -0.64 -2.71
N PHE A 867 23.14 -1.61 -2.93
CA PHE A 867 23.17 -2.80 -2.11
C PHE A 867 24.57 -3.38 -1.96
N ALA A 868 25.18 -3.72 -3.10
CA ALA A 868 26.48 -4.39 -3.14
C ALA A 868 27.57 -3.58 -2.43
N LEU A 869 27.69 -2.30 -2.77
CA LEU A 869 28.62 -1.41 -2.08
C LEU A 869 28.36 -1.48 -0.57
N VAL A 870 27.10 -1.42 -0.14
CA VAL A 870 26.83 -1.42 1.30
C VAL A 870 27.33 -2.75 1.94
N VAL A 871 27.09 -3.87 1.27
CA VAL A 871 27.59 -5.14 1.76
C VAL A 871 29.13 -5.12 1.94
N ILE A 872 29.84 -4.65 0.92
CA ILE A 872 31.29 -4.70 0.90
C ILE A 872 31.89 -3.86 2.03
N GLY A 873 31.30 -2.71 2.31
CA GLY A 873 31.70 -1.88 3.46
C GLY A 873 31.59 -2.65 4.76
N ASP A 874 30.53 -3.45 4.91
CA ASP A 874 30.38 -4.30 6.10
C ASP A 874 31.43 -5.42 6.13
N LEU A 875 31.72 -6.02 4.96
CA LEU A 875 32.73 -7.07 4.87
C LEU A 875 34.04 -6.59 5.47
N ILE A 876 34.63 -5.54 4.89
CA ILE A 876 35.90 -4.97 5.35
C ILE A 876 35.96 -4.67 6.86
N GLN A 877 34.83 -4.28 7.43
CA GLN A 877 34.73 -3.99 8.88
C GLN A 877 35.20 -5.18 9.75
N TYR A 878 35.19 -6.37 9.15
CA TYR A 878 35.63 -7.59 9.82
C TYR A 878 36.68 -8.35 9.00
N GLU A 881 42.27 -7.52 7.12
CA GLU A 881 42.85 -7.72 5.81
C GLU A 881 42.71 -9.18 5.35
N GLN A 882 41.49 -9.72 5.39
CA GLN A 882 41.21 -11.07 4.91
C GLN A 882 40.32 -10.99 3.67
N THR A 883 40.30 -9.82 3.06
CA THR A 883 39.40 -9.53 1.96
C THR A 883 40.18 -9.36 0.66
N ALA A 884 41.50 -9.31 0.79
CA ALA A 884 42.41 -9.30 -0.37
C ALA A 884 41.86 -10.18 -1.50
N SER A 885 41.29 -11.32 -1.13
CA SER A 885 40.71 -12.21 -2.12
C SER A 885 39.83 -11.42 -3.09
N MET A 886 39.37 -10.24 -2.71
CA MET A 886 38.42 -9.53 -3.55
C MET A 886 38.73 -8.08 -3.87
N LYS A 887 39.73 -7.52 -3.22
CA LYS A 887 40.25 -6.21 -3.59
C LYS A 887 40.12 -6.04 -5.11
N ASN A 888 40.61 -7.01 -5.87
CA ASN A 888 40.74 -6.80 -7.31
C ASN A 888 39.38 -6.81 -7.99
N ALA A 889 38.41 -7.38 -7.32
CA ALA A 889 37.12 -7.64 -7.93
C ALA A 889 36.23 -6.43 -7.76
N PHE A 890 36.54 -5.59 -6.76
CA PHE A 890 35.65 -4.48 -6.55
C PHE A 890 36.21 -3.07 -6.66
N ILE A 891 37.49 -2.86 -6.46
CA ILE A 891 37.93 -1.48 -6.36
C ILE A 891 37.81 -0.72 -7.66
N PRO A 892 37.91 -1.45 -8.76
CA PRO A 892 37.72 -0.89 -10.09
C PRO A 892 36.32 -0.30 -10.20
N LYS A 893 35.29 -1.02 -9.78
CA LYS A 893 33.95 -0.40 -9.79
C LYS A 893 33.72 0.66 -8.70
N VAL A 894 34.37 0.52 -7.54
CA VAL A 894 34.15 1.47 -6.46
C VAL A 894 34.72 2.84 -6.79
N THR A 895 35.91 2.83 -7.39
CA THR A 895 36.61 4.04 -7.83
C THR A 895 35.79 4.74 -8.91
N GLU A 896 35.11 3.94 -9.73
CA GLU A 896 34.16 4.45 -10.75
C GLU A 896 33.02 5.18 -10.05
N CYS A 897 32.45 4.48 -9.07
CA CYS A 897 31.29 4.93 -8.31
C CYS A 897 31.54 6.22 -7.56
N LEU A 898 32.77 6.41 -7.10
CA LEU A 898 33.16 7.65 -6.44
C LEU A 898 32.65 8.89 -7.14
N ILE A 899 32.79 8.95 -8.46
CA ILE A 899 32.37 10.14 -9.21
C ILE A 899 31.01 9.99 -9.87
N SER A 900 30.23 8.98 -9.46
CA SER A 900 28.86 8.82 -9.97
C SER A 900 27.92 10.01 -9.74
N PRO A 901 27.02 10.27 -10.72
CA PRO A 901 25.98 11.30 -10.61
C PRO A 901 25.02 11.03 -9.45
N ASP A 902 24.91 9.77 -9.04
CA ASP A 902 24.07 9.41 -7.90
C ASP A 902 24.78 9.51 -6.54
N ALA A 903 24.22 10.38 -5.68
CA ALA A 903 24.75 10.67 -4.34
C ALA A 903 24.88 9.43 -3.42
N ARG A 904 23.98 8.48 -3.59
CA ARG A 904 23.92 7.28 -2.76
C ARG A 904 25.01 6.31 -3.14
N ILE A 905 25.39 6.34 -4.41
CA ILE A 905 26.50 5.56 -4.91
C ILE A 905 27.83 6.16 -4.41
N ARG A 906 27.96 7.47 -4.52
CA ARG A 906 29.20 8.11 -4.06
C ARG A 906 29.40 7.82 -2.57
N GLN A 907 28.33 8.04 -1.79
CA GLN A 907 28.26 7.77 -0.35
C GLN A 907 28.77 6.38 0.03
N ALA A 908 28.16 5.33 -0.53
CA ALA A 908 28.53 3.96 -0.24
C ALA A 908 29.92 3.66 -0.70
N ALA A 909 30.28 4.25 -1.83
CA ALA A 909 31.63 4.12 -2.41
C ALA A 909 32.70 4.67 -1.47
N SER A 910 32.61 5.96 -1.18
CA SER A 910 33.58 6.56 -0.32
C SER A 910 33.71 5.87 1.06
N TYR A 911 32.57 5.44 1.63
CA TYR A 911 32.57 4.72 2.92
C TYR A 911 33.47 3.50 2.80
N ILE A 912 33.32 2.79 1.69
CA ILE A 912 34.17 1.64 1.35
C ILE A 912 35.67 2.00 1.25
N ILE A 913 36.00 3.09 0.57
CA ILE A 913 37.40 3.50 0.48
C ILE A 913 37.94 3.91 1.84
N GLY A 914 37.07 4.45 2.69
CA GLY A 914 37.52 4.96 3.98
C GLY A 914 37.65 3.78 4.92
N VAL A 915 36.75 2.83 4.80
CA VAL A 915 36.76 1.69 5.68
C VAL A 915 37.97 0.80 5.31
N CYS A 916 38.35 0.81 4.04
CA CYS A 916 39.58 0.12 3.59
C CYS A 916 40.78 0.54 4.42
N ALA A 917 40.99 1.84 4.59
CA ALA A 917 42.16 2.36 5.32
C ALA A 917 42.06 2.22 6.81
N GLN A 918 40.91 1.75 7.29
CA GLN A 918 40.66 1.74 8.71
C GLN A 918 40.91 0.38 9.26
N TYR A 919 40.37 -0.62 8.58
CA TYR A 919 40.39 -2.00 9.08
C TYR A 919 41.36 -2.86 8.31
N ALA A 920 41.71 -2.44 7.10
CA ALA A 920 42.69 -3.14 6.26
C ALA A 920 43.82 -2.22 5.80
N PRO A 921 44.47 -1.53 6.75
CA PRO A 921 45.34 -0.43 6.33
C PRO A 921 46.30 -0.79 5.21
N SER A 922 46.84 -1.99 5.23
CA SER A 922 48.01 -2.26 4.40
C SER A 922 47.69 -3.02 3.13
N THR A 923 46.72 -3.90 3.19
CA THR A 923 46.35 -4.59 1.99
C THR A 923 45.58 -3.65 1.04
N TYR A 924 45.68 -2.34 1.30
CA TYR A 924 44.94 -1.31 0.53
C TYR A 924 45.58 0.00 0.02
N ALA A 925 46.69 0.44 0.54
CA ALA A 925 47.40 1.69 0.15
C ALA A 925 47.64 2.24 -1.27
N ASP A 926 48.02 1.33 -2.16
CA ASP A 926 48.11 1.56 -3.59
C ASP A 926 46.78 2.09 -4.13
N VAL A 927 45.71 1.96 -3.34
CA VAL A 927 44.39 2.46 -3.71
C VAL A 927 44.02 3.74 -2.96
N CYS A 928 44.18 3.69 -1.65
CA CYS A 928 43.66 4.77 -0.85
C CYS A 928 44.35 6.11 -1.10
N ILE A 929 45.67 6.08 -1.27
CA ILE A 929 46.40 7.33 -1.52
C ILE A 929 46.14 7.89 -2.91
N PRO A 930 46.08 7.02 -3.93
CA PRO A 930 45.67 7.54 -5.25
C PRO A 930 44.31 8.23 -5.23
N THR A 931 43.27 7.53 -4.74
CA THR A 931 41.89 8.03 -4.71
C THR A 931 41.80 9.37 -3.97
N LEU A 932 42.74 9.59 -3.06
CA LEU A 932 42.68 10.71 -2.15
C LEU A 932 42.43 12.08 -2.84
N ASP A 933 42.87 12.23 -4.08
CA ASP A 933 42.60 13.46 -4.82
C ASP A 933 41.16 13.51 -5.33
N THR A 934 40.67 12.34 -5.74
CA THR A 934 39.26 12.16 -6.09
C THR A 934 38.38 12.68 -4.94
N LEU A 935 38.74 12.29 -3.73
CA LEU A 935 37.99 12.63 -2.54
C LEU A 935 38.07 14.12 -2.26
N VAL A 936 39.21 14.74 -2.53
CA VAL A 936 39.32 16.19 -2.33
C VAL A 936 38.38 16.90 -3.29
N GLN A 937 38.07 16.26 -4.41
CA GLN A 937 37.17 16.86 -5.40
C GLN A 937 35.67 16.57 -5.14
N ILE A 938 35.33 15.32 -4.81
CA ILE A 938 33.95 14.93 -4.47
C ILE A 938 33.49 15.80 -3.32
N VAL A 939 34.42 16.03 -2.38
CA VAL A 939 34.22 16.94 -1.27
C VAL A 939 33.70 18.30 -1.74
N ASP A 940 34.07 18.71 -2.97
CA ASP A 940 33.81 20.08 -3.45
C ASP A 940 32.83 20.24 -4.62
N GLY A 943 27.29 21.81 -5.19
CA GLY A 943 26.07 21.41 -4.42
C GLY A 943 26.44 20.43 -3.32
N SER A 944 27.71 20.46 -2.91
CA SER A 944 28.27 19.53 -1.94
C SER A 944 27.58 19.62 -0.62
N LYS A 945 27.72 20.80 0.00
CA LYS A 945 27.10 21.12 1.27
C LYS A 945 25.64 21.57 0.97
N LEU A 946 24.80 20.62 0.62
CA LEU A 946 23.40 20.87 0.31
C LEU A 946 22.60 19.65 0.76
N GLU A 947 21.40 19.89 1.24
CA GLU A 947 20.60 18.81 1.86
C GLU A 947 20.71 17.48 1.14
N GLU A 948 20.53 17.46 -0.17
CA GLU A 948 20.44 16.19 -0.89
C GLU A 948 21.69 15.32 -0.82
N ASN A 949 22.84 15.97 -0.82
CA ASN A 949 24.11 15.26 -0.85
C ASN A 949 25.05 15.63 0.28
N ARG A 950 24.52 16.26 1.34
CA ARG A 950 25.31 16.59 2.54
C ARG A 950 25.86 15.30 3.16
N SER A 951 25.10 14.24 2.98
CA SER A 951 25.42 12.97 3.53
C SER A 951 26.62 12.33 2.78
N SER A 952 26.56 12.31 1.45
CA SER A 952 27.64 11.76 0.58
C SER A 952 28.97 12.46 0.75
N THR A 953 28.93 13.79 0.78
CA THR A 953 30.16 14.51 0.97
C THR A 953 30.69 14.37 2.40
N GLU A 954 29.84 14.06 3.37
CA GLU A 954 30.33 13.82 4.72
C GLU A 954 31.09 12.51 4.82
N ASN A 955 30.68 11.51 4.06
CA ASN A 955 31.38 10.24 4.02
C ASN A 955 32.75 10.35 3.34
N ALA A 956 32.79 11.03 2.21
CA ALA A 956 34.04 11.31 1.55
C ALA A 956 34.98 12.00 2.54
N SER A 957 34.47 13.03 3.21
CA SER A 957 35.25 13.79 4.17
C SER A 957 35.85 12.87 5.24
N ALA A 958 35.04 11.93 5.74
CA ALA A 958 35.46 11.01 6.79
C ALA A 958 36.44 10.03 6.20
N ALA A 959 36.13 9.60 4.97
CA ALA A 959 37.00 8.71 4.22
C ALA A 959 38.43 9.25 4.08
N ILE A 960 38.61 10.54 3.77
CA ILE A 960 39.95 11.12 3.66
C ILE A 960 40.65 11.27 5.01
N ALA A 961 39.90 11.59 6.05
CA ALA A 961 40.45 11.64 7.41
C ALA A 961 40.94 10.26 7.86
N LYS A 962 40.35 9.21 7.31
CA LYS A 962 40.74 7.83 7.63
C LYS A 962 42.10 7.47 7.01
N ILE A 963 42.26 7.79 5.73
CA ILE A 963 43.52 7.71 5.01
C ILE A 963 44.64 8.51 5.67
N LEU A 964 44.38 9.78 5.99
CA LEU A 964 45.33 10.58 6.75
C LEU A 964 45.75 9.98 8.11
N TYR A 965 44.93 9.09 8.66
CA TYR A 965 45.22 8.50 9.95
C TYR A 965 46.09 7.31 9.77
N ALA A 966 45.63 6.38 8.94
CA ALA A 966 46.32 5.13 8.71
C ALA A 966 47.79 5.33 8.32
N TYR A 967 48.03 6.26 7.39
CA TYR A 967 49.37 6.46 6.85
C TYR A 967 49.91 7.83 7.24
N ASN A 968 49.94 8.06 8.56
CA ASN A 968 50.08 9.43 9.17
C ASN A 968 51.12 10.50 8.81
N SER A 969 52.42 10.16 8.97
CA SER A 969 53.53 10.93 8.36
C SER A 969 54.24 10.17 7.21
N ASN A 970 53.48 9.33 6.51
CA ASN A 970 53.95 8.61 5.31
C ASN A 970 53.33 9.17 4.04
N ILE A 971 52.69 10.34 4.16
CA ILE A 971 51.92 10.92 3.07
C ILE A 971 52.62 12.08 2.38
N PRO A 972 52.67 12.04 1.04
CA PRO A 972 53.07 13.20 0.27
C PRO A 972 51.99 14.27 0.32
N ASP A 975 49.83 16.51 3.39
CA ASP A 975 49.61 17.48 4.46
C ASP A 975 48.83 18.74 4.00
N THR A 976 48.88 19.04 2.72
CA THR A 976 47.96 20.05 2.25
C THR A 976 46.64 19.44 2.65
N TYR A 977 46.50 18.18 2.28
CA TYR A 977 45.37 17.37 2.60
C TYR A 977 44.68 17.70 3.92
N THR A 978 45.38 17.62 5.04
CA THR A 978 44.69 17.80 6.31
C THR A 978 43.97 19.18 6.40
N ALA A 979 44.64 20.21 5.88
CA ALA A 979 44.05 21.55 5.79
C ALA A 979 42.89 21.62 4.80
N ASN A 980 42.86 20.70 3.83
CA ASN A 980 41.71 20.55 2.91
C ASN A 980 40.54 20.01 3.70
N TRP A 981 40.78 18.83 4.27
CA TRP A 981 39.87 18.06 5.07
C TRP A 981 39.16 18.97 6.06
N PHE A 982 39.97 19.69 6.81
CA PHE A 982 39.45 20.63 7.76
C PHE A 982 38.30 21.46 7.19
N LYS A 983 38.45 22.00 5.97
CA LYS A 983 37.45 22.92 5.39
C LYS A 983 36.15 22.19 5.04
N THR A 984 36.08 20.92 5.41
CA THR A 984 34.89 20.12 5.17
C THR A 984 34.16 20.00 6.46
N LEU A 985 34.71 20.55 7.53
CA LEU A 985 34.04 20.54 8.79
C LEU A 985 33.13 21.75 8.74
N PRO A 986 31.96 21.61 9.33
CA PRO A 986 31.58 20.56 10.23
C PRO A 986 30.84 19.39 9.63
N THR A 987 30.79 18.32 10.41
CA THR A 987 30.05 17.13 10.07
C THR A 987 28.83 17.06 10.98
N ILE A 988 27.66 17.13 10.36
CA ILE A 988 26.40 17.38 11.07
C ILE A 988 25.29 16.36 10.78
N THR A 989 25.41 15.55 9.72
CA THR A 989 24.33 14.62 9.29
C THR A 989 24.55 13.12 9.48
N ASP A 990 25.72 12.62 9.07
CA ASP A 990 26.07 11.23 9.25
C ASP A 990 26.81 11.12 10.58
N LYS A 991 26.34 10.21 11.43
CA LYS A 991 26.78 10.15 12.81
C LYS A 991 28.11 9.44 12.96
N GLU A 992 28.27 8.32 12.26
CA GLU A 992 29.49 7.49 12.34
C GLU A 992 30.66 8.17 11.64
N ALA A 993 30.35 8.90 10.58
CA ALA A 993 31.32 9.79 9.95
C ALA A 993 31.80 10.85 10.93
N ALA A 994 30.84 11.60 11.48
CA ALA A 994 31.17 12.64 12.43
C ALA A 994 31.98 12.10 13.59
N SER A 995 31.65 10.88 13.99
CA SER A 995 32.33 10.24 15.09
C SER A 995 33.82 10.06 14.75
N PHE A 996 34.12 9.61 13.53
CA PHE A 996 35.51 9.55 13.16
C PHE A 996 36.21 10.92 13.03
N ASN A 997 35.59 11.86 12.31
CA ASN A 997 36.22 13.15 12.07
C ASN A 997 36.65 13.84 13.35
N TYR A 998 35.80 13.85 14.37
CA TYR A 998 36.19 14.52 15.59
C TYR A 998 37.14 13.68 16.43
N GLN A 999 37.14 12.36 16.27
CA GLN A 999 38.21 11.53 16.85
C GLN A 999 39.57 11.95 16.23
N PHE A 1000 39.64 11.99 14.89
CA PHE A 1000 40.82 12.50 14.18
C PHE A 1000 41.18 13.94 14.53
N LEU A 1001 40.19 14.82 14.60
CA LEU A 1001 40.43 16.21 15.02
C LEU A 1001 41.10 16.21 16.42
N SER A 1002 40.73 15.28 17.28
CA SER A 1002 41.22 15.24 18.64
C SER A 1002 42.64 14.69 18.79
N GLN A 1003 43.15 14.02 17.76
CA GLN A 1003 44.55 13.57 17.75
C GLN A 1003 45.35 14.74 17.22
N VAL A 1012 46.12 22.90 12.40
CA VAL A 1012 44.88 22.99 13.15
C VAL A 1012 45.15 23.67 14.49
N CYS A 1013 46.27 23.31 15.12
CA CYS A 1013 46.65 23.89 16.41
C CYS A 1013 46.93 25.38 16.33
N ALA A 1014 47.12 25.98 17.50
CA ALA A 1014 47.41 27.41 17.66
C ALA A 1014 46.67 28.25 16.61
N GLN A 1015 47.43 29.11 15.94
CA GLN A 1015 46.94 29.85 14.80
C GLN A 1015 45.74 30.76 15.11
N SER A 1016 45.02 31.10 14.05
CA SER A 1016 43.77 31.81 14.13
C SER A 1016 42.74 30.94 13.38
N ASN A 1017 43.02 29.63 13.33
CA ASN A 1017 42.06 28.57 13.06
C ASN A 1017 41.15 28.29 14.28
N ILE A 1018 41.47 28.93 15.40
CA ILE A 1018 40.90 28.63 16.69
C ILE A 1018 39.38 28.74 16.76
N SER A 1019 38.80 29.80 16.18
CA SER A 1019 37.36 29.95 16.16
C SER A 1019 36.69 28.99 15.16
N ALA A 1020 37.41 28.56 14.14
CA ALA A 1020 36.88 27.49 13.28
C ALA A 1020 37.01 26.12 13.92
N VAL A 1021 38.03 25.94 14.75
CA VAL A 1021 38.22 24.69 15.48
C VAL A 1021 37.04 24.46 16.43
N VAL A 1022 36.77 25.47 17.27
CA VAL A 1022 35.70 25.40 18.25
C VAL A 1022 34.35 25.22 17.55
N ASP A 1023 34.01 26.18 16.69
CA ASP A 1023 32.72 26.15 16.06
C ASP A 1023 32.47 24.81 15.36
N SER A 1024 33.48 24.24 14.73
CA SER A 1024 33.36 22.92 14.09
C SER A 1024 32.78 21.90 15.06
N VAL A 1025 33.10 22.08 16.35
CA VAL A 1025 32.65 21.16 17.40
C VAL A 1025 31.25 21.57 17.91
N ILE A 1026 31.07 22.85 18.25
CA ILE A 1026 29.74 23.37 18.65
C ILE A 1026 28.72 22.94 17.62
N GLN A 1027 29.07 23.03 16.33
CA GLN A 1027 28.13 22.71 15.28
C GLN A 1027 27.69 21.26 15.30
N ALA A 1028 28.67 20.37 15.45
CA ALA A 1028 28.39 18.92 15.49
C ALA A 1028 27.51 18.58 16.68
N LEU A 1029 27.89 19.08 17.86
CA LEU A 1029 27.13 18.88 19.10
C LEU A 1029 25.72 19.39 18.93
N ASN A 1030 25.57 20.67 18.61
CA ASN A 1030 24.23 21.30 18.48
C ASN A 1030 23.35 20.62 17.48
N GLU A 1031 23.96 20.11 16.42
CA GLU A 1031 23.19 19.38 15.42
C GLU A 1031 22.99 17.93 15.82
N ARG A 1032 23.52 17.55 16.97
CA ARG A 1032 23.42 16.19 17.49
C ARG A 1032 23.88 15.11 16.48
N SER A 1033 25.05 15.29 15.89
CA SER A 1033 25.70 14.26 15.01
C SER A 1033 26.85 13.55 15.73
N LEU A 1034 27.54 14.26 16.62
CA LEU A 1034 28.46 13.57 17.52
C LEU A 1034 27.97 13.66 18.96
N THR A 1041 34.68 14.07 24.16
CA THR A 1041 36.11 14.13 24.50
C THR A 1041 37.03 15.04 23.63
N VAL A 1042 36.74 15.20 22.33
CA VAL A 1042 37.24 16.34 21.52
C VAL A 1042 37.03 17.71 22.21
N ILE A 1043 36.02 17.78 23.09
CA ILE A 1043 35.86 18.90 24.01
C ILE A 1043 37.12 19.09 24.90
N SER A 1044 37.63 18.01 25.47
CA SER A 1044 38.85 18.05 26.29
C SER A 1044 39.97 18.71 25.50
N SER A 1045 40.23 18.22 24.29
CA SER A 1045 41.24 18.80 23.39
C SER A 1045 41.05 20.31 23.16
N VAL A 1046 39.80 20.72 22.93
CA VAL A 1046 39.48 22.13 22.67
C VAL A 1046 39.76 23.06 23.88
N LYS A 1047 39.37 22.61 25.08
CA LYS A 1047 39.57 23.39 26.30
C LYS A 1047 41.05 23.66 26.55
N LYS A 1048 41.91 22.72 26.08
CA LYS A 1048 43.39 22.83 26.17
C LYS A 1048 43.93 23.96 25.29
N LEU A 1049 43.38 24.04 24.09
CA LEU A 1049 43.69 25.11 23.16
C LEU A 1049 43.25 26.49 23.72
N LEU A 1050 42.03 26.57 24.25
CA LEU A 1050 41.57 27.80 24.91
C LEU A 1050 42.33 28.15 26.18
N GLY A 1051 42.94 27.13 26.79
CA GLY A 1051 43.84 27.30 27.92
C GLY A 1051 45.04 28.13 27.52
N PHE A 1052 45.53 27.89 26.31
CA PHE A 1052 46.71 28.59 25.79
C PHE A 1052 46.44 30.07 25.39
N LEU A 1053 45.30 30.62 25.78
CA LEU A 1053 44.97 32.03 25.48
C LEU A 1053 44.38 32.77 26.67
N PRO A 1054 44.59 34.10 26.73
CA PRO A 1054 44.14 34.91 27.87
C PRO A 1054 42.69 34.67 28.30
N SER A 1055 42.31 35.22 29.46
CA SER A 1055 40.92 35.40 29.89
C SER A 1055 40.06 35.83 28.71
N SER A 1056 40.43 37.00 28.18
CA SER A 1056 39.64 37.74 27.17
C SER A 1056 39.61 37.05 25.81
N ASP A 1057 40.74 36.50 25.37
CA ASP A 1057 40.76 35.75 24.11
C ASP A 1057 39.92 34.48 24.16
N ALA A 1058 39.97 33.78 25.29
CA ALA A 1058 39.15 32.57 25.50
C ALA A 1058 37.65 32.86 25.39
N MET A 1059 37.13 33.78 26.22
CA MET A 1059 35.71 34.20 26.23
C MET A 1059 35.17 34.48 24.82
N ALA A 1060 35.82 35.43 24.14
CA ALA A 1060 35.37 36.03 22.88
C ALA A 1060 34.92 35.10 21.76
N ILE A 1061 35.45 33.87 21.72
CA ILE A 1061 35.05 32.90 20.70
C ILE A 1061 33.55 32.62 20.66
N PHE A 1062 32.90 32.60 21.83
CA PHE A 1062 31.50 32.23 21.88
C PHE A 1062 30.62 33.43 21.72
N ASN A 1063 31.23 34.55 21.36
CA ASN A 1063 30.54 35.79 21.35
C ASN A 1063 29.51 35.78 20.25
N ARG A 1064 29.66 34.87 19.31
CA ARG A 1064 28.72 34.92 18.20
C ARG A 1064 27.46 34.14 18.53
N TYR A 1065 27.52 33.30 19.57
CA TYR A 1065 26.46 32.34 19.81
C TYR A 1065 25.25 32.88 20.55
N PRO A 1066 24.06 32.53 20.06
CA PRO A 1066 22.81 32.97 20.72
C PRO A 1066 22.59 32.29 22.09
N ALA A 1067 21.58 32.76 22.85
CA ALA A 1067 21.45 32.36 24.25
C ALA A 1067 21.31 30.86 24.37
N ASP A 1068 20.36 30.34 23.61
CA ASP A 1068 20.02 28.93 23.69
C ASP A 1068 21.22 27.97 23.44
N ILE A 1069 22.12 28.31 22.52
CA ILE A 1069 23.26 27.44 22.34
C ILE A 1069 24.43 27.78 23.29
N MET A 1070 24.39 28.96 23.86
CA MET A 1070 25.26 29.22 24.99
C MET A 1070 24.82 28.52 26.29
N GLU A 1071 23.52 28.21 26.45
CA GLU A 1071 23.09 27.37 27.58
C GLU A 1071 23.78 26.00 27.44
N LYS A 1072 23.61 25.37 26.30
CA LYS A 1072 24.31 24.13 25.97
C LYS A 1072 25.81 24.18 26.10
N VAL A 1073 26.44 25.28 25.71
CA VAL A 1073 27.92 25.34 25.69
C VAL A 1073 28.47 25.37 27.14
N HIS A 1074 27.82 26.16 28.00
CA HIS A 1074 28.05 26.12 29.42
C HIS A 1074 28.00 24.69 29.97
N LYS A 1075 26.95 23.93 29.63
CA LYS A 1075 26.81 22.52 30.02
C LYS A 1075 27.68 21.50 29.23
N TRP A 1076 28.60 21.97 28.37
CA TRP A 1076 29.47 21.11 27.58
C TRP A 1076 30.92 21.29 27.97
N PHE A 1077 31.26 22.48 28.45
CA PHE A 1077 32.67 22.81 28.69
C PHE A 1077 32.92 23.18 30.13
N SER B 26 -16.09 7.43 10.13
CA SER B 26 -15.14 8.61 10.17
C SER B 26 -15.72 9.86 10.80
N ALA B 27 -15.07 10.32 11.85
CA ALA B 27 -15.54 11.51 12.48
C ALA B 27 -14.55 12.67 12.18
N LYS B 28 -13.98 12.65 10.97
CA LYS B 28 -13.38 13.84 10.39
C LYS B 28 -13.69 13.94 8.86
N ILE B 29 -13.25 15.00 8.19
CA ILE B 29 -13.42 15.03 6.75
C ILE B 29 -12.38 14.10 6.11
N SER B 30 -12.84 13.33 5.14
CA SER B 30 -11.95 12.50 4.31
C SER B 30 -12.59 12.19 2.99
N LYS B 31 -11.80 11.72 2.03
CA LYS B 31 -12.31 11.47 0.71
C LYS B 31 -12.89 10.05 0.55
N PRO B 32 -13.81 9.88 -0.40
CA PRO B 32 -14.38 8.56 -0.65
C PRO B 32 -13.32 7.61 -1.16
N LEU B 33 -13.53 6.33 -0.91
CA LEU B 33 -12.59 5.27 -1.28
C LEU B 33 -12.47 5.13 -2.76
N HIS B 34 -11.29 4.79 -3.27
CA HIS B 34 -11.17 4.69 -4.73
C HIS B 34 -11.98 3.54 -5.32
N ILE B 35 -12.50 3.73 -6.54
CA ILE B 35 -13.34 2.71 -7.17
C ILE B 35 -12.74 2.03 -8.40
N LYS B 36 -11.59 1.40 -8.30
CA LYS B 36 -10.91 0.78 -9.50
C LYS B 36 -11.13 -0.80 -9.61
N THR B 37 -10.20 -1.53 -10.27
CA THR B 37 -9.58 -2.81 -9.73
C THR B 37 -8.19 -3.12 -10.28
#